data_7XY6
#
_entry.id   7XY6
#
_cell.length_a   1.00
_cell.length_b   1.00
_cell.length_c   1.00
_cell.angle_alpha   90.00
_cell.angle_beta   90.00
_cell.angle_gamma   90.00
#
_symmetry.space_group_name_H-M   'P 1'
#
loop_
_entity.id
_entity.type
_entity.pdbx_description
1 polymer 'Guanine nucleotide-binding protein G(s) subunit alpha isoforms short'
2 polymer 'Guanine nucleotide-binding protein G(I)/G(S)/G(T) subunit beta-1'
3 polymer 'Guanine nucleotide-binding protein G(I)/G(S)/G(O) subunit gamma-2'
4 polymer 'Soluble cytochrome b562,Adenosine receptor A2b,LgBiT'
5 non-polymer 2-[6-azanyl-3,5-dicyano-4-[4-(cyclopropylmethoxy)phenyl]pyridin-2-yl]sulfanylethanamide
#
loop_
_entity_poly.entity_id
_entity_poly.type
_entity_poly.pdbx_seq_one_letter_code
_entity_poly.pdbx_strand_id
1 'polypeptide(L)'
;TVSAEDKAAAERSKMIEKQLQKDKQVYRATHRLLLLGADNSGKSTIVKQMRIYHGGSGGSGGTSGIFETKFQVDKVNFHM
FDVGGQRDERRKWIQCFNDVTAIIFVVDSSDYNRLQEALNDFKSIWNNRWLRTISVILFLNKQDLLAEKVLAGKSKIEDY
FPEFARYTTPEDATPEPGEDPRVTRAKYFIRDEFLRISTASGDGRHYCYPHFTCAVDTENARRIFNDCRDIIQRMHLRQY
ELL
;
A
2 'polypeptide(L)'
;MSELDQLRQEAEQLKNQIRDARKACADATLSQITNNIDPVGRIQMRTRRTLRGHLAKIYAMHWGTDSRLLVSASQDGKLI
IWDSYTTNKVHAIPLRSSWVMTCAYAPSGNYVACGGLDNICSIYNLKTREGNVRVSRELAGHTGYLSCCRFLDDNQIVTS
SGDTTCALWDIETGQQTTTFTGHTGDVMSLSLAPDTRLFVSGACDASAKLWDVREGMCRQTFTGHESDINAICFFPNGNA
FATGSDDATCRLFDLRADQELMTYSHDNIICGITSVSFSKSGRLLLAGYDDFNCNVWDALKADRAGVLAGHDNRVSCLGV
TDDGMAVATGSWDSFLKIWNGSSGGGGSGGGGSSGVSGWRLFKKIS
;
B
3 'polypeptide(L)' MASNNTASIAQARKLVEQLKMEANIDRIKVSKAAADLMAYCEAHAKEDPLLTPVPASENPFREKKFFGSAGSA G
4 'polypeptide(L)'
;DYKDDDDAGRAHHHHHHHHHHADLEDNWETLNDNLKVIEKADNAAQVKDALTKMRAAALDAQKATPPKLEDKSPDSPEMK
DFRHGFDILVGQIDDALKLANEGKVKEAQAAAEQLKTTRNAYIQKYLENLYFQSLLETQDALYVALELVIAALSVAGNVL
VCAAVGTANTLQTPTNYFLVSLAAADVAVGLFAIPFAITISLGFCTDFYGCLFLACFVLVLTQSSIFSLLAVAVDRYLAI
CVPLRYKSLVTGTRARGVIAVLWVLAFGIGLTPFLGWNSKDSATNNCTEPWDGTTNESCCLVKCLFENVVPMSYMVYFNF
FGCVLPPLLIMLVIYIKIFLVACRQLQRTELMDHSRTTLQREIHAAKSLAMIVGIFALCWLPVHAVNCVTLFQPAQGKNK
PKWAMNMAILLSHANSVVNPIVYAYRNRDFRYTFHKIISRYLLCQADVKSGNGQAGVQPALGVGLNSMGTLVFTLEDFVG
DWEQTAAYNLDQVLEQGGVSSLLQNLAVSVTPIQRIVRSGENALKIDIHVIIPYEGLSADQMAQIEEVFKVVYPVDDHHF
KVILPYGTLVIDGVTPNMLNYFGRPYEGIAVFDGKKITVTGTLWNGNKIIDERLITPDGSMLFRVTIN
;
R
#
# COMPACT_ATOMS: atom_id res chain seq x y z
N THR A 1 -8.18 4.26 -39.97
CA THR A 1 -7.72 3.14 -39.14
C THR A 1 -8.60 3.01 -37.91
N VAL A 2 -8.89 4.14 -37.26
CA VAL A 2 -9.70 4.18 -36.05
C VAL A 2 -11.10 4.62 -36.41
N SER A 3 -12.10 3.80 -36.07
CA SER A 3 -13.48 4.11 -36.38
C SER A 3 -14.01 5.18 -35.43
N ALA A 4 -15.22 5.67 -35.74
CA ALA A 4 -15.84 6.70 -34.92
C ALA A 4 -16.17 6.20 -33.52
N GLU A 5 -16.62 4.95 -33.41
CA GLU A 5 -17.01 4.41 -32.11
C GLU A 5 -15.84 4.36 -31.14
N ASP A 6 -14.65 4.01 -31.64
CA ASP A 6 -13.47 3.97 -30.77
C ASP A 6 -13.13 5.35 -30.22
N LYS A 7 -13.20 6.38 -31.06
CA LYS A 7 -12.94 7.74 -30.59
C LYS A 7 -14.01 8.21 -29.62
N ALA A 8 -15.27 7.83 -29.88
CA ALA A 8 -16.35 8.17 -28.96
C ALA A 8 -16.11 7.54 -27.59
N ALA A 9 -15.65 6.29 -27.56
CA ALA A 9 -15.32 5.65 -26.29
C ALA A 9 -14.11 6.31 -25.63
N ALA A 10 -13.12 6.73 -26.44
CA ALA A 10 -11.94 7.38 -25.88
C ALA A 10 -12.29 8.70 -25.21
N GLU A 11 -13.23 9.45 -25.78
CA GLU A 11 -13.66 10.70 -25.13
C GLU A 11 -14.28 10.44 -23.76
N ARG A 12 -15.14 9.43 -23.67
CA ARG A 12 -15.72 9.05 -22.38
C ARG A 12 -14.64 8.61 -21.39
N SER A 13 -13.65 7.88 -21.86
CA SER A 13 -12.54 7.49 -20.99
C SER A 13 -11.80 8.71 -20.46
N LYS A 14 -11.57 9.71 -21.31
CA LYS A 14 -10.89 10.93 -20.86
C LYS A 14 -11.72 11.66 -19.82
N MET A 15 -13.03 11.73 -20.03
CA MET A 15 -13.89 12.37 -19.02
C MET A 15 -13.84 11.64 -17.69
N ILE A 16 -13.88 10.30 -17.72
CA ILE A 16 -13.78 9.52 -16.48
C ILE A 16 -12.45 9.77 -15.79
N GLU A 17 -11.36 9.80 -16.57
CA GLU A 17 -10.05 10.08 -15.99
C GLU A 17 -9.99 11.46 -15.35
N LYS A 18 -10.59 12.46 -15.99
CA LYS A 18 -10.62 13.80 -15.40
C LYS A 18 -11.37 13.81 -14.09
N GLN A 19 -12.52 13.12 -14.03
CA GLN A 19 -13.27 13.07 -12.77
C GLN A 19 -12.48 12.37 -11.67
N LEU A 20 -11.79 11.26 -12.01
CA LEU A 20 -10.97 10.57 -11.03
C LEU A 20 -9.81 11.44 -10.54
N GLN A 21 -9.19 12.20 -11.45
CA GLN A 21 -8.14 13.12 -11.05
C GLN A 21 -8.68 14.19 -10.10
N LYS A 22 -9.90 14.68 -10.36
CA LYS A 22 -10.52 15.63 -9.44
C LYS A 22 -10.73 15.02 -8.06
N ASP A 23 -11.19 13.76 -8.01
CA ASP A 23 -11.46 13.12 -6.74
C ASP A 23 -10.19 12.75 -5.96
N LYS A 24 -9.08 12.51 -6.65
CA LYS A 24 -7.84 12.10 -5.98
C LYS A 24 -7.35 13.16 -5.01
N GLN A 25 -7.40 14.43 -5.40
CA GLN A 25 -6.91 15.51 -4.54
C GLN A 25 -7.72 15.58 -3.25
N VAL A 26 -9.04 15.44 -3.34
CA VAL A 26 -9.87 15.45 -2.14
C VAL A 26 -9.56 14.23 -1.26
N TYR A 27 -9.38 13.06 -1.89
CA TYR A 27 -9.10 11.87 -1.10
C TYR A 27 -7.77 11.95 -0.36
N ARG A 28 -6.74 12.51 -1.02
CA ARG A 28 -5.38 12.44 -0.47
C ARG A 28 -5.12 13.44 0.64
N ALA A 29 -6.05 14.34 0.94
CA ALA A 29 -5.85 15.38 1.94
C ALA A 29 -6.77 15.20 3.15
N THR A 30 -6.92 13.95 3.60
CA THR A 30 -7.76 13.66 4.75
C THR A 30 -7.09 12.58 5.60
N HIS A 31 -7.04 12.80 6.91
CA HIS A 31 -6.48 11.84 7.85
C HIS A 31 -7.62 11.01 8.45
N ARG A 32 -7.44 9.69 8.45
CA ARG A 32 -8.47 8.77 8.88
C ARG A 32 -8.16 8.24 10.28
N LEU A 33 -9.19 8.19 11.12
CA LEU A 33 -9.08 7.70 12.48
C LEU A 33 -10.12 6.61 12.71
N LEU A 34 -9.73 5.55 13.41
CA LEU A 34 -10.62 4.44 13.67
C LEU A 34 -11.03 4.45 15.15
N LEU A 35 -12.33 4.52 15.41
CA LEU A 35 -12.88 4.58 16.76
C LEU A 35 -13.30 3.18 17.20
N LEU A 36 -12.89 2.79 18.40
CA LEU A 36 -13.22 1.48 18.95
C LEU A 36 -13.67 1.65 20.40
N GLY A 37 -14.31 0.61 20.91
CA GLY A 37 -14.78 0.63 22.28
C GLY A 37 -15.83 -0.45 22.49
N ALA A 38 -16.40 -0.43 23.68
CA ALA A 38 -17.44 -1.36 24.09
C ALA A 38 -18.72 -0.59 24.40
N ASP A 39 -19.78 -1.35 24.69
CA ASP A 39 -21.05 -0.72 25.06
C ASP A 39 -20.94 -0.06 26.43
N ASN A 40 -21.81 0.91 26.66
CA ASN A 40 -21.82 1.68 27.91
C ASN A 40 -20.47 2.34 28.16
N SER A 41 -19.89 2.91 27.10
CA SER A 41 -18.61 3.61 27.21
C SER A 41 -18.69 5.07 26.79
N GLY A 42 -19.79 5.51 26.20
CA GLY A 42 -19.91 6.90 25.81
C GLY A 42 -19.22 7.27 24.51
N LYS A 43 -18.98 6.30 23.63
CA LYS A 43 -18.34 6.60 22.35
C LYS A 43 -19.22 7.49 21.48
N SER A 44 -20.52 7.49 21.73
CA SER A 44 -21.44 8.28 20.89
C SER A 44 -21.18 9.78 21.04
N THR A 45 -20.73 10.21 22.22
CA THR A 45 -20.51 11.62 22.50
C THR A 45 -19.03 11.81 22.87
N ILE A 46 -18.20 12.04 21.86
CA ILE A 46 -16.79 12.31 22.07
C ILE A 46 -16.42 13.61 21.38
N VAL A 47 -16.70 13.71 20.09
CA VAL A 47 -16.39 14.92 19.32
C VAL A 47 -17.66 15.53 18.76
N ILE A 66 -23.41 8.22 14.02
CA ILE A 66 -23.41 6.93 14.70
C ILE A 66 -22.50 5.96 13.98
N PHE A 67 -22.18 6.27 12.72
CA PHE A 67 -21.31 5.43 11.91
C PHE A 67 -20.14 6.20 11.31
N GLU A 68 -20.35 7.45 10.91
CA GLU A 68 -19.29 8.26 10.31
C GLU A 68 -19.40 9.69 10.82
N THR A 69 -18.24 10.35 10.91
CA THR A 69 -18.19 11.74 11.35
C THR A 69 -17.09 12.46 10.61
N LYS A 70 -17.36 13.70 10.21
CA LYS A 70 -16.38 14.55 9.54
C LYS A 70 -16.27 15.87 10.29
N PHE A 71 -15.05 16.24 10.65
CA PHE A 71 -14.80 17.52 11.32
C PHE A 71 -13.43 18.03 10.93
N GLN A 72 -13.29 19.34 10.92
CA GLN A 72 -12.03 19.98 10.58
C GLN A 72 -11.63 20.97 11.66
N VAL A 73 -10.33 21.03 11.94
CA VAL A 73 -9.77 21.94 12.92
C VAL A 73 -8.51 22.56 12.33
N ASP A 74 -8.39 23.89 12.45
CA ASP A 74 -7.26 24.64 11.92
C ASP A 74 -7.04 24.34 10.44
N LYS A 75 -8.15 24.26 9.69
CA LYS A 75 -8.13 23.97 8.26
C LYS A 75 -7.44 22.63 7.96
N VAL A 76 -7.63 21.66 8.85
CA VAL A 76 -7.17 20.29 8.63
C VAL A 76 -8.35 19.36 8.87
N ASN A 77 -8.63 18.48 7.90
CA ASN A 77 -9.80 17.63 7.93
C ASN A 77 -9.51 16.32 8.66
N PHE A 78 -10.57 15.68 9.15
CA PHE A 78 -10.47 14.38 9.79
C PHE A 78 -11.70 13.56 9.44
N HIS A 79 -11.57 12.24 9.56
CA HIS A 79 -12.66 11.32 9.26
C HIS A 79 -12.69 10.23 10.31
N MET A 80 -13.81 10.11 11.01
CA MET A 80 -13.96 9.14 12.09
C MET A 80 -14.98 8.08 11.69
N PHE A 81 -14.57 6.82 11.78
CA PHE A 81 -15.42 5.67 11.50
C PHE A 81 -15.68 4.91 12.78
N ASP A 82 -16.92 4.47 12.98
CA ASP A 82 -17.33 3.74 14.17
C ASP A 82 -18.24 2.62 13.65
N VAL A 83 -17.69 1.40 13.57
CA VAL A 83 -18.45 0.24 13.16
C VAL A 83 -18.83 -0.57 14.39
N GLY A 84 -20.12 -0.92 14.48
CA GLY A 84 -20.62 -1.63 15.65
C GLY A 84 -21.66 -2.67 15.33
N GLY A 85 -21.91 -2.93 14.05
CA GLY A 85 -22.85 -3.94 13.65
C GLY A 85 -22.34 -5.36 13.72
N GLN A 86 -21.07 -5.53 14.06
CA GLN A 86 -20.46 -6.85 14.15
C GLN A 86 -20.62 -7.40 15.57
N ARG A 87 -19.88 -8.46 15.89
CA ARG A 87 -19.96 -9.14 17.16
C ARG A 87 -18.64 -8.97 17.91
N ASP A 88 -18.50 -9.72 19.01
CA ASP A 88 -17.32 -9.58 19.86
C ASP A 88 -16.04 -9.90 19.10
N GLU A 89 -16.06 -10.95 18.28
CA GLU A 89 -14.90 -11.29 17.48
C GLU A 89 -14.73 -10.28 16.35
N ARG A 90 -13.50 -9.80 16.16
CA ARG A 90 -13.23 -8.79 15.14
C ARG A 90 -11.94 -9.09 14.38
N ARG A 91 -11.45 -10.33 14.42
CA ARG A 91 -10.18 -10.67 13.79
C ARG A 91 -10.25 -10.65 12.26
N LYS A 92 -11.43 -10.53 11.67
CA LYS A 92 -11.58 -10.58 10.22
C LYS A 92 -11.48 -9.20 9.56
N TRP A 93 -12.42 -8.31 9.90
CA TRP A 93 -12.49 -7.04 9.19
C TRP A 93 -11.49 -6.01 9.69
N ILE A 94 -10.67 -6.36 10.70
CA ILE A 94 -9.64 -5.45 11.18
C ILE A 94 -8.48 -5.30 10.20
N GLN A 95 -8.38 -6.18 9.21
CA GLN A 95 -7.30 -6.10 8.25
C GLN A 95 -7.45 -4.91 7.31
N CYS A 96 -8.67 -4.41 7.11
CA CYS A 96 -8.87 -3.29 6.21
C CYS A 96 -8.19 -2.03 6.72
N PHE A 97 -8.28 -1.77 8.02
CA PHE A 97 -7.75 -0.54 8.61
C PHE A 97 -6.27 -0.70 8.97
N ASN A 98 -5.47 -1.03 7.96
CA ASN A 98 -4.02 -1.11 8.10
C ASN A 98 -3.31 0.14 7.62
N ASP A 99 -4.06 1.17 7.25
CA ASP A 99 -3.45 2.42 6.78
C ASP A 99 -4.05 3.65 7.46
N VAL A 100 -4.81 3.46 8.54
CA VAL A 100 -5.38 4.59 9.26
C VAL A 100 -4.28 5.29 10.07
N THR A 101 -4.51 6.56 10.39
CA THR A 101 -3.51 7.32 11.12
C THR A 101 -3.43 6.89 12.58
N ALA A 102 -4.58 6.72 13.23
CA ALA A 102 -4.59 6.41 14.65
C ALA A 102 -5.89 5.67 15.01
N ILE A 103 -5.84 4.99 16.15
CA ILE A 103 -7.00 4.28 16.69
C ILE A 103 -7.35 4.91 18.03
N ILE A 104 -8.56 5.45 18.13
CA ILE A 104 -9.09 5.98 19.38
C ILE A 104 -9.76 4.85 20.14
N PHE A 105 -9.37 4.67 21.39
CA PHE A 105 -9.94 3.66 22.27
C PHE A 105 -10.54 4.35 23.48
N VAL A 106 -11.84 4.15 23.69
CA VAL A 106 -12.58 4.79 24.77
C VAL A 106 -12.95 3.72 25.78
N VAL A 107 -12.60 3.95 27.05
CA VAL A 107 -12.88 3.01 28.12
C VAL A 107 -13.59 3.75 29.25
N ASP A 108 -14.33 2.99 30.05
CA ASP A 108 -15.09 3.51 31.17
C ASP A 108 -14.33 3.28 32.47
N SER A 109 -14.59 4.14 33.45
CA SER A 109 -13.95 4.05 34.75
C SER A 109 -14.93 3.91 35.91
N SER A 110 -16.22 4.16 35.70
CA SER A 110 -17.19 4.05 36.78
C SER A 110 -17.48 2.59 37.11
N ASP A 111 -17.63 1.75 36.09
CA ASP A 111 -17.94 0.33 36.30
C ASP A 111 -16.65 -0.41 36.63
N TYR A 112 -16.57 -0.93 37.85
CA TYR A 112 -15.34 -1.58 38.32
C TYR A 112 -15.25 -3.05 37.92
N ASN A 113 -16.36 -3.79 37.96
CA ASN A 113 -16.31 -5.21 37.64
C ASN A 113 -16.09 -5.45 36.15
N ARG A 114 -16.70 -4.63 35.29
CA ARG A 114 -16.45 -4.72 33.85
C ARG A 114 -15.24 -3.87 33.46
N LEU A 115 -14.11 -4.16 34.11
CA LEU A 115 -12.86 -3.49 33.83
C LEU A 115 -11.77 -4.41 33.31
N GLN A 116 -11.51 -5.53 33.98
CA GLN A 116 -10.49 -6.48 33.52
C GLN A 116 -10.75 -6.90 32.09
N GLU A 117 -12.00 -7.23 31.75
CA GLU A 117 -12.34 -7.57 30.38
C GLU A 117 -11.86 -6.49 29.42
N ALA A 118 -12.12 -5.22 29.75
CA ALA A 118 -11.66 -4.14 28.89
C ALA A 118 -10.16 -4.20 28.67
N LEU A 119 -9.41 -4.43 29.75
CA LEU A 119 -7.96 -4.58 29.62
C LEU A 119 -7.63 -5.67 28.61
N ASN A 120 -8.30 -6.82 28.71
CA ASN A 120 -8.06 -7.89 27.77
C ASN A 120 -8.34 -7.44 26.35
N ASP A 121 -9.42 -6.68 26.15
CA ASP A 121 -9.72 -6.15 24.83
C ASP A 121 -8.55 -5.32 24.30
N PHE A 122 -7.95 -4.50 25.17
CA PHE A 122 -6.79 -3.72 24.76
C PHE A 122 -5.65 -4.63 24.33
N LYS A 123 -5.42 -5.73 25.07
CA LYS A 123 -4.39 -6.68 24.69
C LYS A 123 -4.64 -7.24 23.30
N SER A 124 -5.91 -7.32 22.89
CA SER A 124 -6.21 -7.83 21.55
C SER A 124 -5.76 -6.85 20.47
N ILE A 125 -5.85 -5.55 20.75
CA ILE A 125 -5.54 -4.57 19.72
C ILE A 125 -4.04 -4.31 19.64
N TRP A 126 -3.39 -4.19 20.79
CA TRP A 126 -1.97 -3.82 20.81
C TRP A 126 -1.07 -4.90 20.22
N ASN A 127 -1.52 -6.16 20.22
CA ASN A 127 -0.69 -7.28 19.76
C ASN A 127 -1.16 -7.88 18.45
N ASN A 128 -2.12 -7.25 17.77
CA ASN A 128 -2.57 -7.76 16.48
C ASN A 128 -1.49 -7.60 15.43
N ARG A 129 -1.43 -8.58 14.52
CA ARG A 129 -0.34 -8.60 13.54
C ARG A 129 -0.53 -7.56 12.44
N TRP A 130 -1.77 -7.12 12.21
CA TRP A 130 -2.05 -6.15 11.17
C TRP A 130 -2.02 -4.71 11.65
N LEU A 131 -1.77 -4.48 12.94
CA LEU A 131 -1.73 -3.15 13.52
C LEU A 131 -0.42 -2.91 14.25
N ARG A 132 0.68 -3.35 13.63
CA ARG A 132 1.99 -3.23 14.27
C ARG A 132 2.47 -1.78 14.32
N THR A 133 2.16 -0.98 13.30
CA THR A 133 2.62 0.39 13.20
C THR A 133 1.46 1.38 13.25
N ILE A 134 0.49 1.12 14.13
CA ILE A 134 -0.67 1.99 14.33
C ILE A 134 -0.71 2.35 15.81
N SER A 135 -0.79 3.65 16.09
CA SER A 135 -0.79 4.11 17.47
C SER A 135 -2.21 4.28 18.00
N VAL A 136 -2.31 4.29 19.32
CA VAL A 136 -3.59 4.25 20.02
C VAL A 136 -3.68 5.46 20.94
N ILE A 137 -4.82 6.16 20.89
CA ILE A 137 -5.11 7.28 21.76
C ILE A 137 -6.20 6.84 22.74
N LEU A 138 -5.88 6.87 24.03
CA LEU A 138 -6.73 6.31 25.08
C LEU A 138 -7.54 7.41 25.75
N PHE A 139 -8.85 7.17 25.90
CA PHE A 139 -9.77 8.11 26.52
C PHE A 139 -10.45 7.41 27.70
N LEU A 140 -10.08 7.80 28.92
CA LEU A 140 -10.76 7.35 30.12
C LEU A 140 -11.95 8.26 30.37
N ASN A 141 -13.16 7.73 30.25
CA ASN A 141 -14.38 8.54 30.28
C ASN A 141 -15.13 8.35 31.58
N LYS A 142 -16.12 9.21 31.79
CA LYS A 142 -17.03 9.15 32.93
C LYS A 142 -16.26 9.23 34.25
N GLN A 143 -15.58 10.36 34.46
CA GLN A 143 -14.84 10.60 35.68
C GLN A 143 -15.63 11.37 36.73
N ASP A 144 -16.64 12.13 36.33
CA ASP A 144 -17.55 12.73 37.29
C ASP A 144 -18.26 11.65 38.09
N LEU A 145 -18.71 10.58 37.42
CA LEU A 145 -19.29 9.44 38.12
C LEU A 145 -18.25 8.75 38.99
N LEU A 146 -17.00 8.67 38.51
CA LEU A 146 -15.94 8.03 39.30
C LEU A 146 -15.70 8.75 40.61
N ALA A 147 -15.68 10.08 40.58
CA ALA A 147 -15.48 10.84 41.80
C ALA A 147 -16.63 10.62 42.79
N GLU A 148 -17.87 10.66 42.31
CA GLU A 148 -19.01 10.44 43.20
C GLU A 148 -19.01 9.03 43.78
N LYS A 149 -18.57 8.04 42.99
CA LYS A 149 -18.52 6.68 43.49
C LYS A 149 -17.38 6.46 44.47
N VAL A 150 -16.26 7.18 44.30
CA VAL A 150 -15.13 6.97 45.20
C VAL A 150 -15.28 7.75 46.49
N LEU A 151 -15.95 8.92 46.46
CA LEU A 151 -16.20 9.66 47.69
C LEU A 151 -17.14 8.90 48.61
N ALA A 152 -18.17 8.27 48.05
CA ALA A 152 -19.11 7.49 48.84
C ALA A 152 -18.44 6.20 49.33
N GLY A 153 -19.07 5.57 50.31
CA GLY A 153 -18.53 4.36 50.91
C GLY A 153 -18.77 3.08 50.15
N LYS A 154 -19.50 3.14 49.03
CA LYS A 154 -19.77 1.93 48.26
C LYS A 154 -18.54 1.41 47.53
N SER A 155 -17.50 2.22 47.41
CA SER A 155 -16.29 1.78 46.70
C SER A 155 -15.58 0.70 47.49
N LYS A 156 -15.25 -0.39 46.80
CA LYS A 156 -14.58 -1.55 47.39
C LYS A 156 -13.44 -1.99 46.49
N ILE A 157 -12.58 -1.03 46.12
CA ILE A 157 -11.54 -1.29 45.12
C ILE A 157 -10.66 -2.46 45.53
N GLU A 158 -10.39 -2.59 46.83
CA GLU A 158 -9.52 -3.67 47.30
C GLU A 158 -10.11 -5.04 46.99
N ASP A 159 -11.44 -5.16 46.97
CA ASP A 159 -12.06 -6.44 46.67
C ASP A 159 -11.79 -6.85 45.22
N TYR A 160 -12.06 -5.96 44.27
CA TYR A 160 -11.85 -6.29 42.87
C TYR A 160 -10.37 -6.29 42.51
N PHE A 161 -9.63 -5.29 42.98
CA PHE A 161 -8.19 -5.19 42.75
C PHE A 161 -7.48 -5.06 44.09
N PRO A 162 -6.80 -6.10 44.57
CA PRO A 162 -6.12 -6.00 45.87
C PRO A 162 -4.73 -5.38 45.81
N GLU A 163 -4.27 -4.94 44.64
CA GLU A 163 -3.02 -4.18 44.56
C GLU A 163 -3.22 -2.70 44.80
N PHE A 164 -4.47 -2.21 44.83
CA PHE A 164 -4.72 -0.79 45.00
C PHE A 164 -4.50 -0.32 46.44
N ALA A 165 -4.61 -1.22 47.41
CA ALA A 165 -4.47 -0.81 48.81
C ALA A 165 -3.08 -0.28 49.11
N ARG A 166 -2.05 -0.90 48.56
CA ARG A 166 -0.67 -0.51 48.80
C ARG A 166 -0.14 0.46 47.75
N TYR A 167 -0.97 0.91 46.82
CA TYR A 167 -0.54 1.85 45.79
C TYR A 167 -0.21 3.20 46.41
N THR A 168 0.71 3.92 45.77
CA THR A 168 1.14 5.23 46.23
C THR A 168 0.96 6.25 45.12
N THR A 169 0.63 7.47 45.51
CA THR A 169 0.41 8.55 44.54
C THR A 169 1.70 8.90 43.84
N PRO A 170 1.73 8.97 42.52
CA PRO A 170 2.95 9.36 41.82
C PRO A 170 3.24 10.84 42.02
N GLU A 171 4.52 11.15 42.27
CA GLU A 171 4.95 12.53 42.44
C GLU A 171 5.06 13.27 41.13
N ASP A 172 5.14 12.56 40.01
CA ASP A 172 5.21 13.18 38.68
C ASP A 172 3.84 13.63 38.18
N ALA A 173 2.79 13.36 38.92
CA ALA A 173 1.45 13.73 38.50
C ALA A 173 1.25 15.24 38.56
N THR A 174 0.17 15.70 37.93
CA THR A 174 -0.21 17.11 37.90
C THR A 174 -1.64 17.21 38.44
N PRO A 175 -1.83 17.10 39.75
CA PRO A 175 -3.19 17.09 40.31
C PRO A 175 -3.92 18.39 40.04
N GLU A 176 -5.22 18.27 39.78
CA GLU A 176 -6.07 19.45 39.64
C GLU A 176 -6.38 20.01 41.02
N PRO A 177 -6.09 21.28 41.28
CA PRO A 177 -6.41 21.86 42.60
C PRO A 177 -7.90 21.76 42.90
N GLY A 178 -8.22 21.46 44.15
CA GLY A 178 -9.58 21.28 44.57
C GLY A 178 -10.08 19.85 44.52
N GLU A 179 -9.19 18.87 44.39
CA GLU A 179 -9.55 17.46 44.32
C GLU A 179 -8.95 16.72 45.50
N ASP A 180 -9.74 15.82 46.08
CA ASP A 180 -9.25 15.00 47.17
C ASP A 180 -8.16 14.04 46.67
N PRO A 181 -7.21 13.67 47.52
CA PRO A 181 -6.15 12.74 47.10
C PRO A 181 -6.69 11.39 46.67
N ARG A 182 -7.82 10.95 47.25
CA ARG A 182 -8.38 9.65 46.88
C ARG A 182 -8.80 9.60 45.42
N VAL A 183 -9.37 10.68 44.90
CA VAL A 183 -9.74 10.73 43.49
C VAL A 183 -8.50 10.65 42.62
N THR A 184 -7.43 11.34 43.00
CA THR A 184 -6.19 11.27 42.23
C THR A 184 -5.62 9.85 42.22
N ARG A 185 -5.63 9.19 43.38
CA ARG A 185 -5.16 7.81 43.44
C ARG A 185 -5.99 6.90 42.55
N ALA A 186 -7.32 7.05 42.62
CA ALA A 186 -8.21 6.21 41.82
C ALA A 186 -7.98 6.43 40.34
N LYS A 187 -7.82 7.68 39.91
CA LYS A 187 -7.58 7.96 38.50
C LYS A 187 -6.25 7.39 38.03
N TYR A 188 -5.18 7.65 38.79
CA TYR A 188 -3.86 7.25 38.32
C TYR A 188 -3.61 5.76 38.42
N PHE A 189 -4.30 5.04 39.31
CA PHE A 189 -4.18 3.59 39.29
C PHE A 189 -4.72 3.01 37.99
N ILE A 190 -5.89 3.49 37.55
CA ILE A 190 -6.46 3.02 36.29
C ILE A 190 -5.58 3.44 35.12
N ARG A 191 -5.01 4.64 35.18
CA ARG A 191 -4.09 5.06 34.11
C ARG A 191 -2.87 4.14 34.04
N ASP A 192 -2.25 3.85 35.18
CA ASP A 192 -1.07 3.01 35.21
C ASP A 192 -1.37 1.58 34.82
N GLU A 193 -2.58 1.09 35.08
CA GLU A 193 -2.92 -0.27 34.67
C GLU A 193 -2.83 -0.43 33.16
N PHE A 194 -3.33 0.57 32.41
CA PHE A 194 -3.21 0.52 30.95
C PHE A 194 -1.79 0.83 30.50
N LEU A 195 -1.10 1.74 31.19
CA LEU A 195 0.27 2.04 30.82
C LEU A 195 1.20 0.83 30.96
N ARG A 196 0.93 -0.05 31.92
CA ARG A 196 1.73 -1.26 32.05
C ARG A 196 1.65 -2.11 30.78
N ILE A 197 0.44 -2.31 30.26
CA ILE A 197 0.28 -3.07 29.02
C ILE A 197 0.90 -2.31 27.86
N SER A 198 0.77 -0.98 27.86
CA SER A 198 1.31 -0.19 26.76
C SER A 198 2.82 -0.34 26.66
N THR A 199 3.54 -0.25 27.78
CA THR A 199 4.99 -0.36 27.74
C THR A 199 5.48 -1.81 27.89
N ALA A 200 4.56 -2.76 28.07
CA ALA A 200 4.97 -4.15 28.17
C ALA A 200 5.58 -4.66 26.87
N SER A 201 5.01 -4.31 25.73
CA SER A 201 5.47 -4.77 24.43
C SER A 201 5.61 -3.59 23.48
N GLY A 202 6.14 -3.88 22.29
CA GLY A 202 6.36 -2.85 21.29
C GLY A 202 7.68 -2.15 21.48
N ASP A 203 8.39 -1.89 20.38
CA ASP A 203 9.71 -1.26 20.44
C ASP A 203 9.81 -0.22 19.32
N GLY A 204 9.45 1.02 19.64
CA GLY A 204 9.66 2.12 18.72
C GLY A 204 8.82 2.11 17.47
N ARG A 205 7.67 1.43 17.49
CA ARG A 205 6.78 1.41 16.34
C ARG A 205 5.45 2.11 16.58
N HIS A 206 4.91 2.05 17.80
CA HIS A 206 3.69 2.74 18.14
C HIS A 206 3.66 3.00 19.63
N TYR A 207 2.94 4.06 20.02
CA TYR A 207 2.89 4.50 21.40
C TYR A 207 1.45 4.77 21.81
N CYS A 208 1.26 5.01 23.10
CA CYS A 208 -0.05 5.26 23.68
C CYS A 208 -0.09 6.64 24.32
N TYR A 209 -1.19 7.36 24.11
CA TYR A 209 -1.36 8.71 24.66
C TYR A 209 -2.56 8.73 25.60
N PRO A 210 -2.34 8.66 26.91
CA PRO A 210 -3.47 8.72 27.85
C PRO A 210 -4.04 10.12 27.96
N HIS A 211 -5.35 10.19 28.19
CA HIS A 211 -6.04 11.45 28.40
C HIS A 211 -7.20 11.23 29.36
N PHE A 212 -7.56 12.29 30.08
CA PHE A 212 -8.67 12.27 31.04
C PHE A 212 -9.80 13.09 30.44
N THR A 213 -10.95 12.46 30.23
CA THR A 213 -12.06 13.09 29.53
C THR A 213 -13.34 12.92 30.33
N CYS A 214 -14.08 14.01 30.46
CA CYS A 214 -15.36 14.02 31.17
C CYS A 214 -16.51 13.86 30.17
N ALA A 215 -17.74 13.90 30.69
CA ALA A 215 -18.90 13.68 29.84
C ALA A 215 -19.18 14.86 28.92
N VAL A 216 -18.90 16.08 29.37
CA VAL A 216 -19.26 17.27 28.60
C VAL A 216 -18.02 18.10 28.28
N ASP A 217 -16.88 17.44 28.10
CA ASP A 217 -15.67 18.14 27.73
C ASP A 217 -15.77 18.66 26.29
N THR A 218 -15.06 19.76 26.02
CA THR A 218 -15.10 20.42 24.72
C THR A 218 -13.73 20.55 24.08
N GLU A 219 -12.69 19.99 24.71
CA GLU A 219 -11.32 20.15 24.25
C GLU A 219 -10.78 18.91 23.54
N ASN A 220 -11.64 17.96 23.18
CA ASN A 220 -11.16 16.71 22.61
C ASN A 220 -10.53 16.92 21.23
N ALA A 221 -11.08 17.83 20.43
CA ALA A 221 -10.57 18.05 19.08
C ALA A 221 -9.13 18.54 19.11
N ARG A 222 -8.81 19.48 20.01
CA ARG A 222 -7.44 19.99 20.10
C ARG A 222 -6.48 18.89 20.54
N ARG A 223 -6.90 18.05 21.50
CA ARG A 223 -6.06 16.94 21.92
C ARG A 223 -5.76 15.99 20.76
N ILE A 224 -6.80 15.62 20.01
CA ILE A 224 -6.60 14.74 18.87
C ILE A 224 -5.69 15.39 17.84
N PHE A 225 -5.85 16.70 17.62
CA PHE A 225 -4.97 17.42 16.71
C PHE A 225 -3.51 17.31 17.14
N ASN A 226 -3.23 17.53 18.42
CA ASN A 226 -1.86 17.52 18.90
C ASN A 226 -1.23 16.13 18.80
N ASP A 227 -1.92 15.10 19.33
CA ASP A 227 -1.33 13.78 19.29
C ASP A 227 -1.45 13.14 17.91
N CYS A 228 -2.13 13.78 16.97
CA CYS A 228 -2.06 13.37 15.57
C CYS A 228 -0.89 14.01 14.85
N ARG A 229 -0.57 15.26 15.18
CA ARG A 229 0.63 15.90 14.65
C ARG A 229 1.90 15.17 15.11
N ASP A 230 1.91 14.74 16.38
CA ASP A 230 3.11 14.08 16.91
C ASP A 230 3.45 12.80 16.15
N ILE A 231 2.45 11.97 15.83
CA ILE A 231 2.70 10.70 15.16
C ILE A 231 3.29 10.93 13.77
N ILE A 232 2.72 11.87 13.02
CA ILE A 232 3.21 12.14 11.68
C ILE A 232 4.62 12.69 11.73
N GLN A 233 4.91 13.56 12.70
CA GLN A 233 6.27 14.06 12.84
C GLN A 233 7.25 12.94 13.14
N ARG A 234 6.87 12.02 14.04
CA ARG A 234 7.76 10.89 14.36
C ARG A 234 7.99 10.00 13.15
N MET A 235 6.93 9.72 12.37
CA MET A 235 7.08 8.89 11.19
C MET A 235 7.99 9.53 10.15
N HIS A 236 7.81 10.83 9.90
CA HIS A 236 8.64 11.52 8.93
C HIS A 236 10.08 11.58 9.38
N LEU A 237 10.32 11.77 10.69
CA LEU A 237 11.68 11.72 11.20
C LEU A 237 12.28 10.33 11.04
N ARG A 238 11.47 9.28 11.23
CA ARG A 238 11.99 7.92 11.12
C ARG A 238 12.34 7.55 9.69
N GLN A 239 11.58 8.03 8.69
CA GLN A 239 11.83 7.61 7.33
C GLN A 239 13.18 8.09 6.79
N TYR A 240 13.77 9.12 7.40
CA TYR A 240 15.10 9.57 7.03
C TYR A 240 16.20 8.98 7.91
N GLU A 241 15.85 8.09 8.83
CA GLU A 241 16.80 7.43 9.71
C GLU A 241 17.57 8.45 10.57
N LEU A 242 16.80 9.25 11.31
CA LEU A 242 17.36 10.20 12.25
C LEU A 242 16.94 9.86 13.67
N LEU A 243 15.75 9.27 13.80
CA LEU A 243 15.20 8.91 15.10
C LEU A 243 15.47 7.45 15.41
N ARG B 8 -27.09 -36.79 22.89
CA ARG B 8 -25.90 -36.29 23.58
C ARG B 8 -24.67 -37.11 23.22
N GLN B 9 -24.67 -38.39 23.62
CA GLN B 9 -23.55 -39.27 23.35
C GLN B 9 -23.67 -40.00 22.02
N GLU B 10 -24.81 -39.90 21.33
CA GLU B 10 -24.97 -40.54 20.04
C GLU B 10 -24.14 -39.86 18.95
N ALA B 11 -23.79 -38.59 19.14
CA ALA B 11 -23.05 -37.86 18.13
C ALA B 11 -21.69 -38.48 17.89
N GLU B 12 -20.99 -38.89 18.96
CA GLU B 12 -19.68 -39.50 18.81
C GLU B 12 -19.77 -40.81 18.03
N GLN B 13 -20.77 -41.64 18.33
CA GLN B 13 -20.93 -42.90 17.61
C GLN B 13 -21.24 -42.65 16.13
N LEU B 14 -22.11 -41.69 15.85
CA LEU B 14 -22.42 -41.37 14.46
C LEU B 14 -21.20 -40.83 13.72
N LYS B 15 -20.40 -39.98 14.38
CA LYS B 15 -19.20 -39.44 13.76
C LYS B 15 -18.19 -40.55 13.48
N ASN B 16 -18.01 -41.48 14.41
CA ASN B 16 -17.12 -42.61 14.17
C ASN B 16 -17.63 -43.49 13.03
N GLN B 17 -18.95 -43.70 12.95
CA GLN B 17 -19.52 -44.46 11.85
C GLN B 17 -19.23 -43.79 10.51
N ILE B 18 -19.39 -42.47 10.44
CA ILE B 18 -19.04 -41.74 9.23
C ILE B 18 -17.55 -41.88 8.93
N ARG B 19 -16.72 -41.79 9.96
CA ARG B 19 -15.27 -41.84 9.77
C ARG B 19 -14.83 -43.16 9.16
N ASP B 20 -15.33 -44.27 9.70
CA ASP B 20 -14.91 -45.55 9.14
C ASP B 20 -15.63 -45.88 7.84
N ALA B 21 -16.86 -45.38 7.63
CA ALA B 21 -17.52 -45.56 6.36
C ALA B 21 -16.75 -44.88 5.23
N ARG B 22 -16.23 -43.68 5.50
CA ARG B 22 -15.39 -43.02 4.49
C ARG B 22 -14.12 -43.82 4.23
N LYS B 23 -13.47 -44.32 5.27
CA LYS B 23 -12.23 -45.07 5.09
C LYS B 23 -12.47 -46.37 4.33
N ALA B 24 -13.67 -46.93 4.43
CA ALA B 24 -13.95 -48.20 3.77
C ALA B 24 -13.79 -48.12 2.26
N CYS B 25 -14.26 -47.02 1.66
CA CYS B 25 -14.26 -46.93 0.20
C CYS B 25 -12.91 -46.54 -0.40
N ALA B 26 -11.97 -46.09 0.42
CA ALA B 26 -10.68 -45.64 -0.08
C ALA B 26 -9.90 -46.81 -0.65
N ASP B 27 -9.62 -46.78 -1.96
CA ASP B 27 -8.87 -47.86 -2.61
C ASP B 27 -7.41 -47.47 -2.85
N ALA B 28 -7.19 -46.37 -3.56
CA ALA B 28 -5.84 -45.93 -3.88
C ALA B 28 -5.83 -44.42 -4.00
N THR B 29 -4.63 -43.85 -3.86
CA THR B 29 -4.44 -42.40 -3.93
C THR B 29 -4.28 -41.96 -5.37
N LEU B 30 -4.39 -40.64 -5.58
CA LEU B 30 -4.22 -40.07 -6.91
C LEU B 30 -2.79 -40.21 -7.41
N SER B 31 -1.81 -40.23 -6.49
CA SER B 31 -0.41 -40.33 -6.90
C SER B 31 -0.13 -41.64 -7.61
N GLN B 32 -0.67 -42.76 -7.09
CA GLN B 32 -0.40 -44.06 -7.68
C GLN B 32 -1.06 -44.23 -9.04
N ILE B 33 -2.03 -43.38 -9.39
CA ILE B 33 -2.75 -43.50 -10.65
C ILE B 33 -2.21 -42.49 -11.65
N THR B 34 -1.65 -41.38 -11.15
CA THR B 34 -1.13 -40.33 -12.01
C THR B 34 0.37 -40.42 -12.23
N ASN B 35 1.03 -41.46 -11.72
CA ASN B 35 2.48 -41.58 -11.88
C ASN B 35 2.89 -42.07 -13.27
N ASN B 36 1.98 -42.09 -14.24
CA ASN B 36 2.30 -42.53 -15.59
C ASN B 36 2.15 -41.45 -16.65
N ILE B 37 1.29 -40.45 -16.41
CA ILE B 37 1.09 -39.40 -17.40
C ILE B 37 2.32 -38.50 -17.47
N ASP B 38 2.57 -37.94 -18.65
CA ASP B 38 3.71 -37.07 -18.83
C ASP B 38 3.51 -35.74 -18.12
N PRO B 39 4.56 -35.22 -17.49
CA PRO B 39 4.43 -33.92 -16.81
C PRO B 39 4.24 -32.78 -17.79
N VAL B 40 3.58 -31.73 -17.31
CA VAL B 40 3.33 -30.56 -18.15
C VAL B 40 4.63 -29.86 -18.49
N GLY B 41 5.48 -29.63 -17.48
CA GLY B 41 6.74 -28.95 -17.70
C GLY B 41 6.82 -27.60 -17.03
N ARG B 42 7.26 -26.58 -17.76
CA ARG B 42 7.40 -25.23 -17.25
C ARG B 42 6.55 -24.28 -18.08
N ILE B 43 5.87 -23.35 -17.41
CA ILE B 43 4.94 -22.43 -18.05
C ILE B 43 5.42 -21.00 -17.80
N GLN B 44 5.56 -20.22 -18.86
CA GLN B 44 5.95 -18.83 -18.78
C GLN B 44 4.79 -17.93 -19.21
N MET B 45 4.56 -16.88 -18.43
CA MET B 45 3.49 -15.92 -18.72
C MET B 45 4.02 -14.52 -18.58
N ARG B 46 3.54 -13.62 -19.44
CA ARG B 46 3.96 -12.23 -19.46
C ARG B 46 2.76 -11.32 -19.31
N THR B 47 3.00 -10.11 -18.84
CA THR B 47 1.95 -9.13 -18.63
C THR B 47 1.64 -8.43 -19.95
N ARG B 48 0.44 -8.65 -20.48
CA ARG B 48 0.04 -7.99 -21.72
C ARG B 48 -0.47 -6.57 -21.46
N ARG B 49 -1.33 -6.41 -20.45
CA ARG B 49 -1.91 -5.11 -20.15
C ARG B 49 -1.82 -4.83 -18.65
N THR B 50 -1.50 -3.58 -18.33
CA THR B 50 -1.51 -3.08 -16.96
C THR B 50 -2.57 -2.00 -16.88
N LEU B 51 -3.48 -2.15 -15.92
CA LEU B 51 -4.65 -1.27 -15.79
C LEU B 51 -4.50 -0.43 -14.53
N ARG B 52 -4.60 0.89 -14.69
CA ARG B 52 -4.42 1.85 -13.61
C ARG B 52 -5.62 2.79 -13.55
N GLY B 53 -5.80 3.41 -12.38
CA GLY B 53 -6.90 4.34 -12.19
C GLY B 53 -7.48 4.31 -10.79
N HIS B 54 -7.09 3.32 -10.00
CA HIS B 54 -7.53 3.23 -8.62
C HIS B 54 -6.56 3.96 -7.71
N LEU B 55 -7.05 4.30 -6.51
CA LEU B 55 -6.25 5.02 -5.53
C LEU B 55 -5.88 4.19 -4.31
N ALA B 56 -6.75 3.28 -3.88
CA ALA B 56 -6.50 2.46 -2.70
C ALA B 56 -6.50 0.98 -3.09
N LYS B 57 -6.50 0.12 -2.08
CA LYS B 57 -6.41 -1.32 -2.28
C LYS B 57 -7.62 -1.84 -3.04
N ILE B 58 -7.39 -2.85 -3.86
CA ILE B 58 -8.43 -3.49 -4.67
C ILE B 58 -8.81 -4.80 -3.99
N TYR B 59 -10.12 -5.02 -3.82
CA TYR B 59 -10.58 -6.15 -3.02
C TYR B 59 -11.26 -7.25 -3.82
N ALA B 60 -11.87 -6.96 -4.96
CA ALA B 60 -12.60 -7.98 -5.69
C ALA B 60 -12.57 -7.68 -7.19
N MET B 61 -12.78 -8.73 -7.98
CA MET B 61 -12.80 -8.62 -9.43
C MET B 61 -13.54 -9.82 -10.00
N HIS B 62 -14.26 -9.58 -11.10
CA HIS B 62 -15.07 -10.62 -11.73
C HIS B 62 -15.09 -10.40 -13.23
N TRP B 63 -14.76 -11.43 -13.99
CA TRP B 63 -14.78 -11.34 -15.44
C TRP B 63 -16.22 -11.41 -15.97
N GLY B 64 -16.40 -10.93 -17.20
CA GLY B 64 -17.70 -10.98 -17.84
C GLY B 64 -17.94 -12.30 -18.56
N THR B 65 -19.16 -12.45 -19.07
CA THR B 65 -19.53 -13.65 -19.81
C THR B 65 -18.98 -13.66 -21.22
N ASP B 66 -18.64 -12.51 -21.78
CA ASP B 66 -18.14 -12.40 -23.14
C ASP B 66 -16.61 -12.34 -23.21
N SER B 67 -15.93 -12.45 -22.07
CA SER B 67 -14.47 -12.36 -22.00
C SER B 67 -13.95 -11.05 -22.59
N ARG B 68 -14.69 -9.97 -22.40
CA ARG B 68 -14.29 -8.66 -22.90
C ARG B 68 -14.30 -7.58 -21.83
N LEU B 69 -15.25 -7.64 -20.90
CA LEU B 69 -15.41 -6.62 -19.86
C LEU B 69 -15.18 -7.22 -18.48
N LEU B 70 -14.73 -6.38 -17.56
CA LEU B 70 -14.54 -6.79 -16.17
C LEU B 70 -14.76 -5.60 -15.25
N VAL B 71 -15.03 -5.90 -13.99
CA VAL B 71 -15.40 -4.92 -12.98
C VAL B 71 -14.48 -5.05 -11.79
N SER B 72 -14.06 -3.91 -11.22
CA SER B 72 -13.14 -3.88 -10.10
C SER B 72 -13.68 -2.97 -9.00
N ALA B 73 -13.42 -3.38 -7.76
CA ALA B 73 -13.88 -2.67 -6.57
C ALA B 73 -12.71 -2.38 -5.65
N SER B 74 -12.68 -1.17 -5.10
CA SER B 74 -11.58 -0.70 -4.26
C SER B 74 -12.13 -0.15 -2.96
N GLN B 75 -11.24 0.44 -2.16
CA GLN B 75 -11.59 0.95 -0.84
C GLN B 75 -12.09 2.39 -0.86
N ASP B 76 -12.07 3.05 -2.01
CA ASP B 76 -12.65 4.38 -2.13
C ASP B 76 -14.16 4.35 -2.30
N GLY B 77 -14.75 3.17 -2.39
CA GLY B 77 -16.17 3.06 -2.66
C GLY B 77 -16.50 3.41 -4.09
N LYS B 78 -15.82 2.75 -5.02
CA LYS B 78 -15.97 3.06 -6.44
C LYS B 78 -15.77 1.79 -7.26
N LEU B 79 -16.75 1.45 -8.08
CA LEU B 79 -16.67 0.34 -9.00
C LEU B 79 -16.29 0.86 -10.38
N ILE B 80 -15.37 0.17 -11.04
CA ILE B 80 -14.89 0.59 -12.35
C ILE B 80 -15.04 -0.57 -13.31
N ILE B 81 -15.65 -0.31 -14.47
CA ILE B 81 -15.80 -1.30 -15.53
C ILE B 81 -14.80 -0.97 -16.64
N TRP B 82 -13.94 -1.91 -16.98
CA TRP B 82 -12.88 -1.67 -17.93
C TRP B 82 -13.20 -2.34 -19.27
N ASP B 83 -12.26 -2.23 -20.20
CA ASP B 83 -12.26 -2.98 -21.45
C ASP B 83 -10.93 -3.70 -21.55
N SER B 84 -10.98 -5.03 -21.65
CA SER B 84 -9.77 -5.83 -21.55
C SER B 84 -8.84 -5.67 -22.75
N TYR B 85 -9.34 -5.18 -23.88
CA TYR B 85 -8.52 -5.06 -25.08
C TYR B 85 -7.85 -3.70 -25.19
N THR B 86 -8.63 -2.62 -25.20
CA THR B 86 -8.14 -1.29 -25.44
C THR B 86 -7.76 -0.54 -24.17
N THR B 87 -7.89 -1.16 -23.01
CA THR B 87 -7.59 -0.53 -21.72
C THR B 87 -8.37 0.76 -21.53
N ASN B 88 -9.62 0.76 -21.96
CA ASN B 88 -10.51 1.89 -21.80
C ASN B 88 -11.40 1.69 -20.58
N LYS B 89 -12.04 2.79 -20.16
CA LYS B 89 -12.98 2.79 -19.05
C LYS B 89 -14.37 3.11 -19.56
N VAL B 90 -15.34 2.29 -19.20
CA VAL B 90 -16.71 2.48 -19.67
C VAL B 90 -17.57 3.15 -18.61
N HIS B 91 -17.51 2.67 -17.36
CA HIS B 91 -18.32 3.23 -16.29
C HIS B 91 -17.51 3.30 -15.00
N ALA B 92 -17.79 4.33 -14.21
CA ALA B 92 -17.18 4.51 -12.89
C ALA B 92 -18.31 4.90 -11.93
N ILE B 93 -18.80 3.93 -11.19
CA ILE B 93 -19.96 4.11 -10.32
C ILE B 93 -19.47 4.40 -8.90
N PRO B 94 -19.82 5.54 -8.31
CA PRO B 94 -19.46 5.79 -6.92
C PRO B 94 -20.47 5.17 -5.96
N LEU B 95 -19.96 4.65 -4.85
CA LEU B 95 -20.78 3.98 -3.85
C LEU B 95 -21.05 4.88 -2.66
N ARG B 96 -22.00 4.46 -1.83
CA ARG B 96 -22.36 5.19 -0.62
C ARG B 96 -21.50 4.81 0.57
N SER B 97 -21.26 3.52 0.77
CA SER B 97 -20.39 3.03 1.83
C SER B 97 -19.02 2.73 1.25
N SER B 98 -17.99 3.36 1.81
CA SER B 98 -16.64 3.24 1.25
C SER B 98 -16.00 1.89 1.52
N TRP B 99 -16.58 1.06 2.36
CA TRP B 99 -16.01 -0.22 2.75
C TRP B 99 -16.80 -1.33 2.07
N VAL B 100 -16.28 -1.82 0.94
CA VAL B 100 -16.90 -2.91 0.19
C VAL B 100 -15.85 -3.99 -0.03
N MET B 101 -16.30 -5.25 -0.06
CA MET B 101 -15.37 -6.36 -0.19
C MET B 101 -15.88 -7.43 -1.13
N THR B 102 -16.71 -7.07 -2.10
CA THR B 102 -17.20 -8.05 -3.07
C THR B 102 -17.72 -7.32 -4.31
N CYS B 103 -17.82 -8.07 -5.40
CA CYS B 103 -18.42 -7.57 -6.63
C CYS B 103 -18.88 -8.77 -7.45
N ALA B 104 -19.76 -8.50 -8.41
CA ALA B 104 -20.28 -9.55 -9.27
C ALA B 104 -20.72 -8.94 -10.59
N TYR B 105 -20.78 -9.79 -11.61
CA TYR B 105 -21.23 -9.40 -12.94
C TYR B 105 -22.34 -10.33 -13.37
N ALA B 106 -23.44 -9.76 -13.85
CA ALA B 106 -24.58 -10.56 -14.26
C ALA B 106 -24.22 -11.41 -15.48
N PRO B 107 -24.74 -12.63 -15.57
CA PRO B 107 -24.46 -13.47 -16.74
C PRO B 107 -24.99 -12.89 -18.03
N SER B 108 -25.98 -12.01 -17.98
CA SER B 108 -26.52 -11.35 -19.17
C SER B 108 -25.84 -10.02 -19.47
N GLY B 109 -24.94 -9.56 -18.62
CA GLY B 109 -24.27 -8.30 -18.85
C GLY B 109 -25.11 -7.07 -18.58
N ASN B 110 -26.16 -7.19 -17.77
CA ASN B 110 -27.06 -6.07 -17.52
C ASN B 110 -27.00 -5.53 -16.09
N TYR B 111 -26.43 -6.27 -15.15
CA TYR B 111 -26.45 -5.88 -13.74
C TYR B 111 -25.09 -6.09 -13.10
N VAL B 112 -24.86 -5.36 -12.01
CA VAL B 112 -23.67 -5.50 -11.19
C VAL B 112 -24.13 -5.59 -9.73
N ALA B 113 -23.34 -6.25 -8.88
CA ALA B 113 -23.67 -6.40 -7.48
C ALA B 113 -22.51 -5.94 -6.61
N CYS B 114 -22.83 -5.45 -5.41
CA CYS B 114 -21.79 -5.00 -4.50
C CYS B 114 -22.26 -5.16 -3.06
N GLY B 115 -21.29 -5.21 -2.16
CA GLY B 115 -21.58 -5.33 -0.73
C GLY B 115 -20.32 -5.18 0.09
N GLY B 116 -20.53 -4.94 1.39
CA GLY B 116 -19.41 -4.76 2.29
C GLY B 116 -19.80 -4.73 3.76
N LEU B 117 -19.11 -3.89 4.55
CA LEU B 117 -19.36 -3.80 5.97
C LEU B 117 -20.70 -3.13 6.29
N ASP B 118 -21.35 -2.52 5.31
CA ASP B 118 -22.61 -1.83 5.52
C ASP B 118 -23.81 -2.77 5.60
N ASN B 119 -23.61 -4.07 5.41
CA ASN B 119 -24.62 -5.10 5.64
C ASN B 119 -25.78 -5.02 4.65
N ILE B 120 -25.60 -4.33 3.53
CA ILE B 120 -26.64 -4.19 2.51
C ILE B 120 -26.07 -4.63 1.17
N CYS B 121 -26.85 -5.38 0.41
CA CYS B 121 -26.43 -5.83 -0.92
C CYS B 121 -27.06 -4.92 -1.97
N SER B 122 -26.22 -4.30 -2.79
CA SER B 122 -26.66 -3.29 -3.75
C SER B 122 -26.60 -3.86 -5.16
N ILE B 123 -27.68 -3.67 -5.92
CA ILE B 123 -27.76 -4.08 -7.31
C ILE B 123 -27.79 -2.85 -8.19
N TYR B 124 -26.87 -2.76 -9.14
CA TYR B 124 -26.75 -1.63 -10.04
C TYR B 124 -27.13 -2.05 -11.45
N ASN B 125 -27.92 -1.21 -12.11
CA ASN B 125 -28.38 -1.45 -13.47
C ASN B 125 -27.52 -0.67 -14.44
N LEU B 126 -27.09 -1.34 -15.51
CA LEU B 126 -26.18 -0.74 -16.49
C LEU B 126 -26.89 -0.22 -17.73
N LYS B 127 -27.67 -1.07 -18.39
CA LYS B 127 -28.33 -0.71 -19.65
C LYS B 127 -29.64 0.02 -19.33
N THR B 128 -29.51 1.31 -19.05
CA THR B 128 -30.65 2.18 -18.78
C THR B 128 -30.97 3.02 -20.01
N ARG B 129 -32.12 3.70 -19.95
CA ARG B 129 -32.59 4.53 -21.06
C ARG B 129 -32.16 5.98 -20.96
N GLU B 130 -31.39 6.35 -19.94
CA GLU B 130 -30.95 7.72 -19.75
C GLU B 130 -29.44 7.89 -19.80
N GLY B 131 -28.68 6.81 -19.93
CA GLY B 131 -27.24 6.89 -20.01
C GLY B 131 -26.53 6.99 -18.68
N ASN B 132 -27.25 7.02 -17.56
CA ASN B 132 -26.65 7.09 -16.23
C ASN B 132 -26.95 5.81 -15.47
N VAL B 133 -26.26 5.64 -14.35
CA VAL B 133 -26.38 4.45 -13.51
C VAL B 133 -27.03 4.84 -12.20
N ARG B 134 -28.06 4.08 -11.81
CA ARG B 134 -28.79 4.33 -10.57
C ARG B 134 -29.00 3.01 -9.85
N VAL B 135 -29.18 3.10 -8.53
CA VAL B 135 -29.39 1.91 -7.72
C VAL B 135 -30.76 1.33 -8.04
N SER B 136 -30.79 0.03 -8.34
CA SER B 136 -32.04 -0.64 -8.70
C SER B 136 -32.71 -1.28 -7.48
N ARG B 137 -31.93 -1.94 -6.63
CA ARG B 137 -32.50 -2.59 -5.46
C ARG B 137 -31.43 -2.74 -4.38
N GLU B 138 -31.88 -2.72 -3.13
CA GLU B 138 -31.03 -2.92 -1.97
C GLU B 138 -31.64 -4.00 -1.08
N LEU B 139 -30.82 -4.97 -0.70
CA LEU B 139 -31.22 -6.07 0.16
C LEU B 139 -30.68 -5.83 1.56
N ALA B 140 -31.56 -5.88 2.55
CA ALA B 140 -31.28 -5.42 3.90
C ALA B 140 -31.74 -6.44 4.94
N GLY B 141 -31.38 -7.70 4.74
CA GLY B 141 -31.81 -8.75 5.64
C GLY B 141 -30.76 -9.27 6.60
N HIS B 142 -29.51 -9.26 6.19
CA HIS B 142 -28.45 -9.88 6.98
C HIS B 142 -28.13 -9.06 8.21
N THR B 143 -27.51 -9.72 9.20
CA THR B 143 -27.09 -9.08 10.44
C THR B 143 -25.57 -9.08 10.60
N GLY B 144 -24.84 -9.20 9.49
CA GLY B 144 -23.39 -9.20 9.52
C GLY B 144 -22.84 -8.74 8.19
N TYR B 145 -21.52 -8.56 8.16
CA TYR B 145 -20.88 -8.04 6.96
C TYR B 145 -20.87 -9.10 5.85
N LEU B 146 -21.19 -8.67 4.64
CA LEU B 146 -21.23 -9.56 3.50
C LEU B 146 -19.83 -9.96 3.05
N SER B 147 -19.69 -11.21 2.64
CA SER B 147 -18.43 -11.75 2.17
C SER B 147 -18.37 -11.93 0.66
N CYS B 148 -19.35 -12.62 0.06
CA CYS B 148 -19.40 -12.74 -1.38
C CYS B 148 -20.82 -13.04 -1.82
N CYS B 149 -21.17 -12.56 -3.00
CA CYS B 149 -22.48 -12.76 -3.58
C CYS B 149 -22.32 -13.14 -5.05
N ARG B 150 -23.18 -14.04 -5.51
CA ARG B 150 -23.11 -14.53 -6.88
C ARG B 150 -24.50 -14.58 -7.49
N PHE B 151 -24.54 -14.48 -8.82
CA PHE B 151 -25.77 -14.44 -9.58
C PHE B 151 -26.11 -15.82 -10.12
N LEU B 152 -27.42 -16.08 -10.24
CA LEU B 152 -27.93 -17.26 -10.90
C LEU B 152 -28.64 -16.92 -12.21
N ASP B 153 -29.50 -15.92 -12.18
CA ASP B 153 -30.12 -15.35 -13.37
C ASP B 153 -30.35 -13.87 -13.10
N ASP B 154 -31.19 -13.24 -13.93
CA ASP B 154 -31.49 -11.83 -13.75
C ASP B 154 -32.53 -11.57 -12.67
N ASN B 155 -32.87 -12.58 -11.86
CA ASN B 155 -33.89 -12.40 -10.83
C ASN B 155 -33.53 -13.02 -9.49
N GLN B 156 -32.40 -13.70 -9.36
CA GLN B 156 -32.03 -14.36 -8.12
C GLN B 156 -30.56 -14.09 -7.81
N ILE B 157 -30.22 -14.15 -6.53
CA ILE B 157 -28.85 -13.92 -6.06
C ILE B 157 -28.63 -14.72 -4.80
N VAL B 158 -27.38 -15.14 -4.58
CA VAL B 158 -26.98 -15.91 -3.41
C VAL B 158 -25.91 -15.11 -2.67
N THR B 159 -26.10 -14.92 -1.37
CA THR B 159 -25.18 -14.11 -0.58
C THR B 159 -24.68 -14.91 0.61
N SER B 160 -23.42 -14.67 0.99
CA SER B 160 -22.83 -15.23 2.19
C SER B 160 -22.29 -14.10 3.05
N SER B 161 -22.64 -14.11 4.33
CA SER B 161 -22.31 -13.01 5.23
C SER B 161 -21.65 -13.57 6.48
N GLY B 162 -21.38 -12.67 7.43
CA GLY B 162 -20.68 -12.99 8.66
C GLY B 162 -21.51 -13.46 9.82
N ASP B 163 -22.82 -13.64 9.63
CA ASP B 163 -23.69 -14.12 10.69
C ASP B 163 -23.93 -15.62 10.63
N THR B 164 -22.97 -16.39 10.13
CA THR B 164 -23.02 -17.85 10.07
C THR B 164 -24.21 -18.35 9.24
N THR B 165 -24.63 -17.57 8.25
CA THR B 165 -25.79 -17.92 7.44
C THR B 165 -25.52 -17.57 5.98
N CYS B 166 -26.26 -18.23 5.09
CA CYS B 166 -26.27 -17.90 3.67
C CYS B 166 -27.71 -17.69 3.23
N ALA B 167 -27.90 -16.88 2.18
CA ALA B 167 -29.24 -16.45 1.83
C ALA B 167 -29.46 -16.51 0.32
N LEU B 168 -30.68 -16.88 -0.05
CA LEU B 168 -31.18 -16.80 -1.42
C LEU B 168 -32.19 -15.68 -1.50
N TRP B 169 -32.06 -14.81 -2.51
CA TRP B 169 -32.93 -13.64 -2.62
C TRP B 169 -33.71 -13.68 -3.93
N ASP B 170 -34.75 -12.86 -3.98
CA ASP B 170 -35.53 -12.61 -5.18
C ASP B 170 -35.52 -11.10 -5.37
N ILE B 171 -35.06 -10.64 -6.53
CA ILE B 171 -34.80 -9.21 -6.73
C ILE B 171 -36.12 -8.43 -6.73
N GLU B 172 -37.10 -8.90 -7.51
CA GLU B 172 -38.34 -8.14 -7.64
C GLU B 172 -39.13 -8.11 -6.34
N THR B 173 -39.26 -9.25 -5.67
CA THR B 173 -40.03 -9.30 -4.43
C THR B 173 -39.33 -8.50 -3.33
N GLY B 174 -38.02 -8.67 -3.19
CA GLY B 174 -37.22 -7.92 -2.25
C GLY B 174 -36.86 -8.65 -0.98
N GLN B 175 -37.53 -9.76 -0.68
CA GLN B 175 -37.29 -10.50 0.55
C GLN B 175 -36.72 -11.88 0.23
N GLN B 176 -35.87 -12.36 1.13
CA GLN B 176 -35.21 -13.65 0.94
C GLN B 176 -36.21 -14.78 0.99
N THR B 177 -35.89 -15.87 0.28
CA THR B 177 -36.76 -17.04 0.19
C THR B 177 -36.20 -18.27 0.89
N THR B 178 -34.89 -18.35 1.10
CA THR B 178 -34.29 -19.51 1.74
C THR B 178 -33.04 -19.08 2.49
N THR B 179 -32.86 -19.63 3.68
CA THR B 179 -31.71 -19.34 4.53
C THR B 179 -31.06 -20.64 4.97
N PHE B 180 -29.73 -20.70 4.83
CA PHE B 180 -28.94 -21.84 5.25
C PHE B 180 -28.21 -21.47 6.53
N THR B 181 -28.40 -22.28 7.57
CA THR B 181 -27.99 -21.97 8.93
C THR B 181 -27.26 -23.15 9.57
N GLY B 182 -26.31 -23.74 8.84
CA GLY B 182 -25.65 -24.92 9.34
C GLY B 182 -24.21 -24.72 9.79
N HIS B 183 -23.75 -23.47 9.85
CA HIS B 183 -22.37 -23.18 10.19
C HIS B 183 -22.26 -22.57 11.58
N THR B 184 -21.04 -22.62 12.13
CA THR B 184 -20.75 -22.05 13.43
C THR B 184 -19.88 -20.81 13.37
N GLY B 185 -19.10 -20.64 12.30
CA GLY B 185 -18.32 -19.43 12.10
C GLY B 185 -18.76 -18.69 10.85
N ASP B 186 -18.26 -17.47 10.72
CA ASP B 186 -18.67 -16.61 9.61
C ASP B 186 -18.08 -17.13 8.30
N VAL B 187 -18.92 -17.17 7.27
CA VAL B 187 -18.54 -17.72 5.97
C VAL B 187 -17.71 -16.70 5.21
N MET B 188 -16.63 -17.17 4.59
CA MET B 188 -15.72 -16.29 3.88
C MET B 188 -15.76 -16.43 2.36
N SER B 189 -16.23 -17.56 1.84
CA SER B 189 -16.27 -17.74 0.39
C SER B 189 -17.30 -18.80 0.02
N LEU B 190 -17.77 -18.71 -1.22
CA LEU B 190 -18.70 -19.68 -1.77
C LEU B 190 -18.55 -19.69 -3.29
N SER B 191 -18.94 -20.80 -3.90
CA SER B 191 -18.84 -20.96 -5.34
C SER B 191 -20.01 -21.77 -5.86
N LEU B 192 -20.49 -21.40 -7.04
CA LEU B 192 -21.61 -22.07 -7.67
C LEU B 192 -21.14 -23.24 -8.52
N ALA B 193 -22.08 -23.83 -9.27
CA ALA B 193 -21.81 -24.96 -10.14
C ALA B 193 -22.34 -24.70 -11.55
N PRO B 194 -21.75 -25.32 -12.57
CA PRO B 194 -22.22 -25.06 -13.95
C PRO B 194 -23.69 -25.41 -14.16
N ASP B 195 -24.19 -26.47 -13.54
CA ASP B 195 -25.58 -26.85 -13.72
C ASP B 195 -26.55 -25.94 -12.96
N THR B 196 -26.04 -25.05 -12.10
CA THR B 196 -26.85 -24.08 -11.38
C THR B 196 -27.92 -24.76 -10.52
N ARG B 197 -27.49 -25.78 -9.78
CA ARG B 197 -28.37 -26.45 -8.82
C ARG B 197 -27.74 -26.68 -7.45
N LEU B 198 -26.42 -26.77 -7.35
CA LEU B 198 -25.74 -26.93 -6.07
C LEU B 198 -24.65 -25.87 -5.95
N PHE B 199 -24.27 -25.56 -4.71
CA PHE B 199 -23.19 -24.62 -4.47
C PHE B 199 -22.50 -24.96 -3.16
N VAL B 200 -21.21 -24.63 -3.11
CA VAL B 200 -20.38 -24.96 -1.96
C VAL B 200 -20.12 -23.69 -1.15
N SER B 201 -19.73 -23.89 0.11
CA SER B 201 -19.45 -22.78 1.00
C SER B 201 -18.33 -23.17 1.95
N GLY B 202 -17.47 -22.20 2.25
CA GLY B 202 -16.39 -22.41 3.20
C GLY B 202 -16.42 -21.35 4.28
N ALA B 203 -16.46 -21.80 5.53
CA ALA B 203 -16.63 -20.91 6.67
C ALA B 203 -15.33 -20.84 7.47
N CYS B 204 -15.41 -20.16 8.61
CA CYS B 204 -14.25 -19.91 9.46
C CYS B 204 -14.00 -21.00 10.48
N ASP B 205 -14.85 -22.03 10.53
CA ASP B 205 -14.70 -23.12 11.49
C ASP B 205 -13.88 -24.28 10.94
N ALA B 206 -13.04 -24.02 9.93
CA ALA B 206 -12.18 -25.04 9.32
C ALA B 206 -12.99 -26.21 8.78
N SER B 207 -13.97 -25.90 7.94
CA SER B 207 -14.80 -26.92 7.33
C SER B 207 -15.43 -26.35 6.07
N ALA B 208 -15.94 -27.24 5.23
CA ALA B 208 -16.64 -26.87 4.00
C ALA B 208 -17.95 -27.63 3.91
N LYS B 209 -18.91 -27.05 3.20
CA LYS B 209 -20.22 -27.67 3.07
C LYS B 209 -20.73 -27.53 1.65
N LEU B 210 -21.58 -28.48 1.26
CA LEU B 210 -22.30 -28.44 -0.01
C LEU B 210 -23.78 -28.32 0.25
N TRP B 211 -24.43 -27.36 -0.39
CA TRP B 211 -25.83 -27.07 -0.14
C TRP B 211 -26.69 -27.36 -1.37
N ASP B 212 -28.00 -27.29 -1.19
CA ASP B 212 -28.96 -27.48 -2.27
C ASP B 212 -29.84 -26.23 -2.36
N VAL B 213 -30.04 -25.75 -3.59
CA VAL B 213 -30.75 -24.49 -3.78
C VAL B 213 -32.24 -24.65 -3.46
N ARG B 214 -32.85 -25.73 -3.94
CA ARG B 214 -34.29 -25.91 -3.77
C ARG B 214 -34.67 -26.74 -2.57
N GLU B 215 -33.82 -27.69 -2.16
CA GLU B 215 -34.12 -28.46 -0.96
C GLU B 215 -33.98 -27.61 0.29
N GLY B 216 -32.99 -26.71 0.32
CA GLY B 216 -32.79 -25.84 1.45
C GLY B 216 -32.05 -26.45 2.62
N MET B 217 -31.53 -27.67 2.47
CA MET B 217 -30.82 -28.36 3.54
C MET B 217 -29.45 -28.79 3.06
N CYS B 218 -28.52 -28.92 4.01
CA CYS B 218 -27.18 -29.37 3.69
C CYS B 218 -27.19 -30.85 3.31
N ARG B 219 -26.25 -31.21 2.45
CA ARG B 219 -26.11 -32.60 2.00
C ARG B 219 -24.81 -33.25 2.44
N GLN B 220 -23.68 -32.58 2.23
CA GLN B 220 -22.39 -33.15 2.59
C GLN B 220 -21.53 -32.09 3.27
N THR B 221 -20.73 -32.54 4.23
CA THR B 221 -19.76 -31.71 4.92
C THR B 221 -18.39 -32.34 4.81
N PHE B 222 -17.36 -31.49 4.75
CA PHE B 222 -15.98 -31.92 4.58
C PHE B 222 -15.09 -31.21 5.58
N THR B 223 -14.13 -31.96 6.12
CA THR B 223 -13.17 -31.45 7.07
C THR B 223 -11.81 -31.98 6.68
N GLY B 224 -10.76 -31.39 7.26
CA GLY B 224 -9.41 -31.79 6.94
C GLY B 224 -8.42 -30.65 7.00
N HIS B 225 -8.92 -29.43 7.16
CA HIS B 225 -8.05 -28.29 7.35
C HIS B 225 -7.85 -28.03 8.84
N GLU B 226 -6.77 -27.33 9.17
CA GLU B 226 -6.43 -27.04 10.55
C GLU B 226 -6.73 -25.61 10.97
N SER B 227 -7.04 -24.73 10.04
CA SER B 227 -7.27 -23.32 10.36
C SER B 227 -8.26 -22.75 9.34
N ASP B 228 -8.28 -21.43 9.24
CA ASP B 228 -9.27 -20.71 8.46
C ASP B 228 -9.21 -21.09 6.98
N ILE B 229 -10.39 -21.20 6.37
CA ILE B 229 -10.53 -21.46 4.94
C ILE B 229 -10.89 -20.13 4.27
N ASN B 230 -10.05 -19.69 3.33
CA ASN B 230 -10.24 -18.35 2.78
C ASN B 230 -11.07 -18.35 1.49
N ALA B 231 -10.61 -19.07 0.47
CA ALA B 231 -11.24 -19.04 -0.85
C ALA B 231 -11.60 -20.45 -1.29
N ILE B 232 -12.62 -20.53 -2.16
CA ILE B 232 -13.10 -21.79 -2.69
C ILE B 232 -13.35 -21.63 -4.18
N CYS B 233 -13.35 -22.76 -4.90
CA CYS B 233 -13.61 -22.76 -6.33
C CYS B 233 -14.35 -24.04 -6.67
N PHE B 234 -14.63 -24.23 -7.96
CA PHE B 234 -15.41 -25.36 -8.43
C PHE B 234 -14.78 -25.91 -9.70
N PHE B 235 -14.81 -27.23 -9.85
CA PHE B 235 -14.25 -27.87 -11.04
C PHE B 235 -15.18 -27.70 -12.24
N PRO B 236 -14.64 -27.63 -13.45
CA PRO B 236 -15.50 -27.49 -14.64
C PRO B 236 -16.50 -28.62 -14.81
N ASN B 237 -16.13 -29.86 -14.48
CA ASN B 237 -17.04 -30.98 -14.71
C ASN B 237 -18.18 -30.99 -13.71
N GLY B 238 -17.92 -30.58 -12.47
CA GLY B 238 -18.94 -30.54 -11.44
C GLY B 238 -18.85 -31.60 -10.37
N ASN B 239 -17.72 -32.31 -10.26
CA ASN B 239 -17.57 -33.38 -9.29
C ASN B 239 -16.38 -33.16 -8.35
N ALA B 240 -15.86 -31.94 -8.27
CA ALA B 240 -14.74 -31.67 -7.39
C ALA B 240 -14.69 -30.17 -7.09
N PHE B 241 -13.98 -29.83 -6.02
CA PHE B 241 -13.73 -28.43 -5.71
C PHE B 241 -12.43 -28.30 -4.93
N ALA B 242 -11.81 -27.13 -5.05
CA ALA B 242 -10.53 -26.87 -4.41
C ALA B 242 -10.71 -25.83 -3.30
N THR B 243 -9.91 -25.99 -2.24
CA THR B 243 -9.98 -25.10 -1.09
C THR B 243 -8.58 -24.64 -0.71
N GLY B 244 -8.50 -23.43 -0.21
CA GLY B 244 -7.23 -22.87 0.25
C GLY B 244 -7.35 -22.31 1.65
N SER B 245 -6.30 -22.53 2.45
CA SER B 245 -6.31 -22.12 3.85
C SER B 245 -5.07 -21.29 4.18
N ASP B 246 -5.09 -20.72 5.39
CA ASP B 246 -3.96 -19.94 5.89
C ASP B 246 -2.76 -20.81 6.22
N ASP B 247 -2.90 -22.13 6.22
CA ASP B 247 -1.80 -23.06 6.43
C ASP B 247 -0.89 -23.18 5.24
N ALA B 248 -1.01 -22.26 4.26
CA ALA B 248 -0.30 -22.37 2.99
C ALA B 248 -0.59 -23.71 2.32
N THR B 249 -1.86 -24.11 2.37
CA THR B 249 -2.27 -25.43 1.91
C THR B 249 -3.50 -25.31 1.02
N CYS B 250 -3.45 -26.00 -0.11
CA CYS B 250 -4.61 -26.23 -0.97
C CYS B 250 -5.00 -27.70 -0.86
N ARG B 251 -6.30 -27.97 -0.93
CA ARG B 251 -6.80 -29.34 -0.87
C ARG B 251 -7.88 -29.54 -1.93
N LEU B 252 -7.87 -30.71 -2.55
CA LEU B 252 -8.84 -31.05 -3.59
C LEU B 252 -9.84 -32.06 -3.01
N PHE B 253 -11.13 -31.73 -3.10
CA PHE B 253 -12.21 -32.53 -2.54
C PHE B 253 -13.11 -33.04 -3.64
N ASP B 254 -13.26 -34.36 -3.72
CA ASP B 254 -14.17 -34.96 -4.67
C ASP B 254 -15.57 -35.00 -4.06
N LEU B 255 -16.57 -35.05 -4.94
CA LEU B 255 -17.97 -34.88 -4.54
C LEU B 255 -18.63 -36.18 -4.11
N ARG B 256 -18.48 -37.24 -4.90
CA ARG B 256 -19.25 -38.45 -4.67
C ARG B 256 -18.60 -39.41 -3.69
N ALA B 257 -17.26 -39.47 -3.64
CA ALA B 257 -16.59 -40.34 -2.69
C ALA B 257 -16.56 -39.79 -1.28
N ASP B 258 -16.83 -38.49 -1.12
CA ASP B 258 -16.87 -37.85 0.20
C ASP B 258 -15.52 -37.98 0.91
N GLN B 259 -14.46 -37.56 0.23
CA GLN B 259 -13.12 -37.63 0.79
C GLN B 259 -12.26 -36.55 0.14
N GLU B 260 -11.03 -36.43 0.64
CA GLU B 260 -10.02 -35.60 -0.01
C GLU B 260 -9.16 -36.48 -0.92
N LEU B 261 -8.66 -35.86 -1.99
CA LEU B 261 -7.86 -36.58 -2.97
C LEU B 261 -6.40 -36.17 -2.97
N MET B 262 -6.11 -34.86 -2.99
CA MET B 262 -4.73 -34.42 -3.05
C MET B 262 -4.56 -33.15 -2.22
N THR B 263 -3.33 -32.94 -1.77
CA THR B 263 -2.93 -31.78 -0.99
C THR B 263 -1.74 -31.11 -1.65
N TYR B 264 -1.85 -29.81 -1.89
CA TYR B 264 -0.78 -29.01 -2.49
C TYR B 264 -0.18 -28.12 -1.40
N SER B 265 1.11 -28.30 -1.15
CA SER B 265 1.82 -27.54 -0.13
C SER B 265 3.31 -27.62 -0.40
N HIS B 266 4.06 -26.74 0.26
CA HIS B 266 5.51 -26.74 0.15
C HIS B 266 6.11 -26.26 1.47
N ASP B 267 7.38 -26.61 1.69
CA ASP B 267 8.05 -26.26 2.93
C ASP B 267 8.60 -24.85 2.94
N ASN B 268 8.65 -24.18 1.80
CA ASN B 268 9.16 -22.82 1.71
C ASN B 268 8.07 -21.76 1.78
N ILE B 269 6.81 -22.16 1.93
CA ILE B 269 5.68 -21.24 1.94
C ILE B 269 5.13 -21.17 3.35
N ILE B 270 5.22 -20.00 3.97
CA ILE B 270 4.69 -19.78 5.31
C ILE B 270 3.40 -18.96 5.30
N CYS B 271 3.21 -18.07 4.32
CA CYS B 271 2.11 -17.11 4.33
C CYS B 271 0.79 -17.81 4.01
N GLY B 272 -0.27 -17.01 3.88
CA GLY B 272 -1.60 -17.53 3.64
C GLY B 272 -2.04 -17.49 2.20
N ILE B 273 -3.28 -17.88 1.93
CA ILE B 273 -3.84 -17.96 0.59
C ILE B 273 -5.09 -17.10 0.52
N THR B 274 -5.19 -16.27 -0.51
CA THR B 274 -6.30 -15.33 -0.65
C THR B 274 -7.26 -15.65 -1.77
N SER B 275 -6.83 -16.34 -2.83
CA SER B 275 -7.69 -16.62 -3.97
C SER B 275 -7.24 -17.90 -4.66
N VAL B 276 -8.20 -18.64 -5.19
CA VAL B 276 -7.94 -19.88 -5.91
C VAL B 276 -8.82 -19.93 -7.15
N SER B 277 -8.27 -20.43 -8.25
CA SER B 277 -9.05 -20.54 -9.49
C SER B 277 -8.53 -21.72 -10.30
N PHE B 278 -9.38 -22.20 -11.19
CA PHE B 278 -9.04 -23.30 -12.09
C PHE B 278 -8.81 -22.79 -13.51
N SER B 279 -8.32 -23.68 -14.36
CA SER B 279 -8.15 -23.38 -15.77
C SER B 279 -9.39 -23.86 -16.53
N LYS B 280 -9.34 -23.74 -17.86
CA LYS B 280 -10.50 -24.12 -18.67
C LYS B 280 -10.66 -25.63 -18.74
N SER B 281 -9.54 -26.36 -18.84
CA SER B 281 -9.59 -27.81 -18.94
C SER B 281 -9.48 -28.51 -17.60
N GLY B 282 -9.31 -27.77 -16.51
CA GLY B 282 -9.14 -28.38 -15.21
C GLY B 282 -7.75 -28.93 -14.95
N ARG B 283 -6.77 -28.54 -15.77
CA ARG B 283 -5.40 -29.03 -15.62
C ARG B 283 -4.53 -28.11 -14.80
N LEU B 284 -4.80 -26.81 -14.79
CA LEU B 284 -3.99 -25.83 -14.08
C LEU B 284 -4.80 -25.23 -12.94
N LEU B 285 -4.16 -25.08 -11.78
CA LEU B 285 -4.77 -24.45 -10.62
C LEU B 285 -3.93 -23.24 -10.24
N LEU B 286 -4.53 -22.05 -10.33
CA LEU B 286 -3.84 -20.81 -9.99
C LEU B 286 -4.19 -20.41 -8.57
N ALA B 287 -3.16 -20.04 -7.79
CA ALA B 287 -3.35 -19.66 -6.41
C ALA B 287 -2.67 -18.32 -6.15
N GLY B 288 -3.33 -17.49 -5.34
CA GLY B 288 -2.77 -16.20 -4.97
C GLY B 288 -2.34 -16.19 -3.51
N TYR B 289 -1.03 -16.14 -3.28
CA TYR B 289 -0.49 -16.23 -1.94
C TYR B 289 -0.29 -14.84 -1.33
N ASP B 290 0.30 -14.79 -0.15
CA ASP B 290 0.52 -13.55 0.58
C ASP B 290 1.98 -13.09 0.52
N ASP B 291 2.83 -13.80 -0.21
CA ASP B 291 4.23 -13.41 -0.37
C ASP B 291 4.45 -12.53 -1.60
N PHE B 292 3.43 -11.78 -2.01
CA PHE B 292 3.46 -10.79 -3.08
C PHE B 292 3.53 -11.40 -4.47
N ASN B 293 3.29 -12.70 -4.60
CA ASN B 293 3.28 -13.33 -5.92
C ASN B 293 2.36 -14.55 -5.89
N CYS B 294 1.95 -14.97 -7.08
CA CYS B 294 1.04 -16.09 -7.25
C CYS B 294 1.82 -17.36 -7.54
N ASN B 295 1.08 -18.46 -7.72
CA ASN B 295 1.69 -19.74 -8.03
C ASN B 295 0.77 -20.54 -8.93
N VAL B 296 1.38 -21.40 -9.74
CA VAL B 296 0.67 -22.27 -10.68
C VAL B 296 0.95 -23.71 -10.28
N TRP B 297 -0.10 -24.49 -10.09
CA TRP B 297 0.00 -25.88 -9.70
C TRP B 297 -0.64 -26.75 -10.78
N ASP B 298 -0.10 -27.96 -10.95
CA ASP B 298 -0.74 -28.93 -11.82
C ASP B 298 -1.70 -29.73 -10.94
N ALA B 299 -2.99 -29.67 -11.27
CA ALA B 299 -4.02 -30.24 -10.42
C ALA B 299 -3.95 -31.77 -10.34
N LEU B 300 -3.16 -32.40 -11.20
CA LEU B 300 -3.12 -33.85 -11.28
C LEU B 300 -1.78 -34.46 -10.91
N LYS B 301 -0.76 -33.65 -10.64
CA LYS B 301 0.56 -34.18 -10.30
C LYS B 301 1.22 -33.51 -9.10
N ALA B 302 0.71 -32.37 -8.63
CA ALA B 302 1.28 -31.65 -7.49
C ALA B 302 2.72 -31.22 -7.75
N ASP B 303 2.91 -30.50 -8.86
CA ASP B 303 4.22 -29.96 -9.20
C ASP B 303 4.06 -28.52 -9.64
N ARG B 304 4.96 -27.66 -9.14
CA ARG B 304 4.94 -26.26 -9.50
C ARG B 304 5.30 -26.08 -10.96
N ALA B 305 4.61 -25.16 -11.63
CA ALA B 305 4.84 -24.91 -13.05
C ALA B 305 5.37 -23.51 -13.35
N GLY B 306 5.14 -22.54 -12.48
CA GLY B 306 5.64 -21.19 -12.72
C GLY B 306 5.22 -20.26 -11.61
N VAL B 307 5.83 -19.08 -11.60
CA VAL B 307 5.53 -18.03 -10.64
C VAL B 307 5.20 -16.76 -11.39
N LEU B 308 4.04 -16.17 -11.09
CA LEU B 308 3.62 -14.92 -11.70
C LEU B 308 3.94 -13.76 -10.75
N ALA B 309 5.24 -13.52 -10.59
CA ALA B 309 5.73 -12.52 -9.64
C ALA B 309 5.87 -11.18 -10.37
N GLY B 310 4.85 -10.34 -10.23
CA GLY B 310 4.90 -9.01 -10.83
C GLY B 310 4.23 -7.93 -10.01
N HIS B 311 3.82 -8.27 -8.79
CA HIS B 311 3.10 -7.35 -7.94
C HIS B 311 3.97 -6.91 -6.76
N ASP B 312 3.70 -5.71 -6.26
CA ASP B 312 4.49 -5.11 -5.19
C ASP B 312 3.78 -5.13 -3.85
N ASN B 313 2.68 -5.87 -3.72
CA ASN B 313 1.93 -5.95 -2.47
C ASN B 313 1.15 -7.25 -2.45
N ARG B 314 0.22 -7.37 -1.51
CA ARG B 314 -0.59 -8.56 -1.38
C ARG B 314 -1.48 -8.75 -2.60
N VAL B 315 -1.71 -10.00 -2.97
CA VAL B 315 -2.57 -10.36 -4.09
C VAL B 315 -3.91 -10.80 -3.53
N SER B 316 -4.99 -10.14 -3.96
CA SER B 316 -6.33 -10.41 -3.45
C SER B 316 -7.34 -10.77 -4.52
N CYS B 317 -6.93 -10.87 -5.79
CA CYS B 317 -7.86 -11.12 -6.88
C CYS B 317 -7.28 -12.20 -7.80
N LEU B 318 -8.19 -12.89 -8.49
CA LEU B 318 -7.80 -13.92 -9.44
C LEU B 318 -9.02 -14.32 -10.25
N GLY B 319 -8.82 -14.59 -11.54
CA GLY B 319 -9.91 -14.98 -12.41
C GLY B 319 -9.48 -15.42 -13.79
N VAL B 320 -10.16 -16.42 -14.33
CA VAL B 320 -9.87 -16.98 -15.65
C VAL B 320 -11.10 -16.82 -16.52
N THR B 321 -10.89 -16.41 -17.77
CA THR B 321 -12.00 -16.13 -18.69
C THR B 321 -12.75 -17.41 -19.02
N ASP B 322 -13.89 -17.24 -19.69
CA ASP B 322 -14.71 -18.38 -20.09
C ASP B 322 -14.09 -19.12 -21.27
N ASP B 323 -13.20 -18.50 -22.02
CA ASP B 323 -12.54 -19.14 -23.15
C ASP B 323 -11.10 -19.53 -22.86
N GLY B 324 -10.57 -19.19 -21.69
CA GLY B 324 -9.20 -19.52 -21.34
C GLY B 324 -8.16 -18.61 -21.94
N MET B 325 -8.53 -17.43 -22.43
CA MET B 325 -7.58 -16.56 -23.10
C MET B 325 -6.52 -16.04 -22.14
N ALA B 326 -6.94 -15.29 -21.12
CA ALA B 326 -6.00 -14.63 -20.21
C ALA B 326 -6.48 -14.77 -18.78
N VAL B 327 -5.62 -14.36 -17.85
CA VAL B 327 -5.92 -14.38 -16.42
C VAL B 327 -5.65 -13.00 -15.84
N ALA B 328 -6.61 -12.49 -15.07
CA ALA B 328 -6.51 -11.16 -14.49
C ALA B 328 -6.17 -11.27 -13.01
N THR B 329 -5.22 -10.44 -12.56
CA THR B 329 -4.79 -10.42 -11.17
C THR B 329 -4.85 -9.00 -10.64
N GLY B 330 -5.52 -8.81 -9.51
CA GLY B 330 -5.47 -7.56 -8.79
C GLY B 330 -4.60 -7.66 -7.55
N SER B 331 -4.36 -6.52 -6.91
CA SER B 331 -3.51 -6.47 -5.74
C SER B 331 -3.85 -5.22 -4.93
N TRP B 332 -3.06 -4.95 -3.91
CA TRP B 332 -3.32 -3.86 -2.97
C TRP B 332 -2.64 -2.56 -3.37
N ASP B 333 -1.94 -2.52 -4.51
CA ASP B 333 -1.27 -1.31 -4.98
C ASP B 333 -2.09 -0.57 -6.04
N SER B 334 -3.41 -0.80 -6.08
CA SER B 334 -4.33 -0.08 -6.97
C SER B 334 -4.01 -0.32 -8.45
N PHE B 335 -3.52 -1.53 -8.78
CA PHE B 335 -3.19 -1.87 -10.16
C PHE B 335 -3.82 -3.22 -10.50
N LEU B 336 -4.17 -3.39 -11.78
CA LEU B 336 -4.57 -4.68 -12.31
C LEU B 336 -3.60 -5.14 -13.39
N LYS B 337 -3.44 -6.44 -13.52
CA LYS B 337 -2.55 -6.99 -14.53
C LYS B 337 -3.26 -8.11 -15.28
N ILE B 338 -3.00 -8.22 -16.58
CA ILE B 338 -3.55 -9.28 -17.41
C ILE B 338 -2.40 -10.10 -17.96
N TRP B 339 -2.39 -11.40 -17.62
CA TRP B 339 -1.35 -12.32 -18.03
C TRP B 339 -1.86 -13.28 -19.10
N ASN B 340 -1.02 -13.54 -20.08
CA ASN B 340 -1.34 -14.45 -21.18
C ASN B 340 -0.11 -15.25 -21.59
N ALA C 12 -29.18 -28.70 19.72
CA ALA C 12 -29.72 -29.78 20.54
C ALA C 12 -29.82 -31.08 19.74
N ARG C 13 -31.05 -31.60 19.62
CA ARG C 13 -31.29 -32.80 18.85
C ARG C 13 -31.15 -32.59 17.35
N LYS C 14 -31.05 -31.34 16.90
CA LYS C 14 -30.98 -31.07 15.47
C LYS C 14 -29.70 -31.61 14.84
N LEU C 15 -28.59 -31.59 15.56
CA LEU C 15 -27.33 -32.06 15.00
C LEU C 15 -27.36 -33.57 14.76
N VAL C 16 -27.80 -34.34 15.77
CA VAL C 16 -27.90 -35.79 15.60
C VAL C 16 -29.00 -36.13 14.61
N GLU C 17 -30.03 -35.30 14.51
CA GLU C 17 -31.06 -35.51 13.48
C GLU C 17 -30.45 -35.33 12.09
N GLN C 18 -29.63 -34.29 11.92
CA GLN C 18 -29.06 -33.99 10.61
C GLN C 18 -28.04 -35.04 10.20
N LEU C 19 -27.26 -35.55 11.15
CA LEU C 19 -26.23 -36.54 10.81
C LEU C 19 -26.81 -37.79 10.18
N LYS C 20 -28.09 -38.08 10.43
CA LYS C 20 -28.69 -39.33 9.93
C LYS C 20 -28.70 -39.38 8.41
N MET C 21 -29.16 -38.31 7.75
CA MET C 21 -29.16 -38.33 6.30
C MET C 21 -27.75 -38.29 5.71
N GLU C 22 -26.80 -37.69 6.43
CA GLU C 22 -25.41 -37.78 5.99
C GLU C 22 -24.89 -39.21 6.08
N ALA C 23 -25.46 -40.02 6.98
CA ALA C 23 -25.02 -41.39 7.11
C ALA C 23 -25.47 -42.27 5.93
N ASN C 24 -26.62 -41.96 5.33
CA ASN C 24 -27.22 -42.84 4.34
C ASN C 24 -26.64 -42.69 2.94
N ILE C 25 -25.73 -41.74 2.72
CA ILE C 25 -25.18 -41.53 1.38
C ILE C 25 -24.25 -42.68 1.02
N ASP C 26 -24.41 -43.20 -0.20
CA ASP C 26 -23.54 -44.26 -0.71
C ASP C 26 -22.32 -43.65 -1.38
N ARG C 27 -21.20 -44.37 -1.28
CA ARG C 27 -19.90 -43.86 -1.75
C ARG C 27 -19.32 -44.81 -2.78
N ILE C 28 -18.83 -44.26 -3.89
CA ILE C 28 -18.12 -45.02 -4.91
C ILE C 28 -16.64 -45.11 -4.55
N LYS C 29 -15.92 -45.99 -5.22
CA LYS C 29 -14.49 -46.14 -4.99
C LYS C 29 -13.75 -44.90 -5.51
N VAL C 30 -12.58 -44.66 -4.91
CA VAL C 30 -11.76 -43.51 -5.30
C VAL C 30 -11.19 -43.70 -6.70
N SER C 31 -10.94 -44.95 -7.09
CA SER C 31 -10.34 -45.23 -8.39
C SER C 31 -11.23 -44.75 -9.53
N LYS C 32 -12.54 -44.98 -9.41
CA LYS C 32 -13.46 -44.54 -10.46
C LYS C 32 -13.46 -43.02 -10.61
N ALA C 33 -13.48 -42.30 -9.49
CA ALA C 33 -13.45 -40.85 -9.55
C ALA C 33 -12.14 -40.34 -10.15
N ALA C 34 -11.01 -40.96 -9.76
CA ALA C 34 -9.73 -40.56 -10.31
C ALA C 34 -9.69 -40.83 -11.82
N ALA C 35 -10.23 -41.96 -12.26
CA ALA C 35 -10.27 -42.26 -13.68
C ALA C 35 -11.15 -41.27 -14.44
N ASP C 36 -12.28 -40.88 -13.85
CA ASP C 36 -13.14 -39.87 -14.48
C ASP C 36 -12.40 -38.54 -14.61
N LEU C 37 -11.68 -38.14 -13.55
CA LEU C 37 -10.91 -36.90 -13.62
C LEU C 37 -9.84 -36.98 -14.70
N MET C 38 -9.13 -38.10 -14.78
CA MET C 38 -8.13 -38.31 -15.82
C MET C 38 -8.74 -38.21 -17.20
N ALA C 39 -9.89 -38.86 -17.41
CA ALA C 39 -10.53 -38.85 -18.72
C ALA C 39 -10.97 -37.45 -19.11
N TYR C 40 -11.58 -36.71 -18.19
CA TYR C 40 -12.01 -35.35 -18.50
C TYR C 40 -10.81 -34.46 -18.82
N CYS C 41 -9.73 -34.59 -18.05
CA CYS C 41 -8.57 -33.74 -18.28
C CYS C 41 -7.90 -34.07 -19.61
N GLU C 42 -7.83 -35.35 -19.97
CA GLU C 42 -7.18 -35.73 -21.22
C GLU C 42 -8.05 -35.45 -22.44
N ALA C 43 -9.38 -35.44 -22.28
CA ALA C 43 -10.25 -35.26 -23.44
C ALA C 43 -10.27 -33.82 -23.92
N HIS C 44 -10.30 -32.86 -22.99
CA HIS C 44 -10.43 -31.44 -23.33
C HIS C 44 -9.09 -30.72 -23.34
N ALA C 45 -8.01 -31.40 -23.72
CA ALA C 45 -6.68 -30.83 -23.72
C ALA C 45 -6.36 -30.06 -24.99
N LYS C 46 -7.24 -30.09 -26.00
CA LYS C 46 -7.01 -29.39 -27.25
C LYS C 46 -7.60 -27.99 -27.28
N GLU C 47 -8.34 -27.59 -26.24
CA GLU C 47 -9.00 -26.29 -26.19
C GLU C 47 -8.65 -25.54 -24.91
N ASP C 48 -7.39 -25.64 -24.48
CA ASP C 48 -6.90 -24.95 -23.29
C ASP C 48 -5.75 -24.04 -23.69
N PRO C 49 -6.04 -22.78 -24.03
CA PRO C 49 -4.95 -21.87 -24.43
C PRO C 49 -3.88 -21.68 -23.38
N LEU C 50 -4.23 -21.79 -22.09
CA LEU C 50 -3.24 -21.58 -21.04
C LEU C 50 -2.24 -22.73 -20.98
N LEU C 51 -2.71 -23.96 -21.16
CA LEU C 51 -1.80 -25.10 -21.10
C LEU C 51 -0.88 -25.14 -22.32
N THR C 52 -1.44 -24.96 -23.52
CA THR C 52 -0.67 -24.91 -24.75
C THR C 52 -0.90 -23.58 -25.46
N PRO C 53 0.15 -22.83 -25.77
CA PRO C 53 -0.04 -21.50 -26.36
C PRO C 53 -0.64 -21.57 -27.75
N VAL C 54 -1.32 -20.49 -28.12
CA VAL C 54 -1.94 -20.35 -29.42
C VAL C 54 -1.08 -19.43 -30.28
N PRO C 55 -1.16 -19.51 -31.61
CA PRO C 55 -0.38 -18.59 -32.45
C PRO C 55 -0.80 -17.14 -32.23
N ALA C 56 0.17 -16.23 -32.37
CA ALA C 56 -0.07 -14.82 -32.10
C ALA C 56 -1.04 -14.17 -33.09
N SER C 57 -1.34 -14.82 -34.22
CA SER C 57 -2.25 -14.23 -35.19
C SER C 57 -3.66 -14.10 -34.62
N GLU C 58 -4.14 -15.13 -33.94
CA GLU C 58 -5.49 -15.13 -33.38
C GLU C 58 -5.54 -14.65 -31.93
N ASN C 59 -4.39 -14.33 -31.33
CA ASN C 59 -4.37 -13.89 -29.95
C ASN C 59 -4.90 -12.46 -29.86
N PRO C 60 -5.98 -12.21 -29.10
CA PRO C 60 -6.49 -10.84 -28.96
C PRO C 60 -5.65 -9.95 -28.07
N PHE C 61 -4.69 -10.50 -27.34
CA PHE C 61 -3.80 -9.73 -26.47
C PHE C 61 -2.42 -9.72 -27.11
N ARG C 62 -2.01 -8.55 -27.60
CA ARG C 62 -0.71 -8.41 -28.23
C ARG C 62 -0.25 -6.96 -28.21
N GLU D 137 53.38 20.61 -20.22
CA GLU D 137 51.93 20.53 -20.16
C GLU D 137 51.46 19.28 -19.44
N THR D 138 52.31 18.77 -18.54
CA THR D 138 51.95 17.58 -17.77
C THR D 138 50.77 17.85 -16.85
N GLN D 139 50.79 18.99 -16.14
CA GLN D 139 49.68 19.33 -15.26
C GLN D 139 48.39 19.53 -16.04
N ASP D 140 48.47 20.16 -17.22
CA ASP D 140 47.29 20.36 -18.04
C ASP D 140 46.68 19.04 -18.50
N ALA D 141 47.53 18.08 -18.89
CA ALA D 141 47.03 16.77 -19.29
C ALA D 141 46.44 16.01 -18.12
N LEU D 142 47.07 16.12 -16.94
CA LEU D 142 46.50 15.48 -15.75
C LEU D 142 45.13 16.04 -15.42
N TYR D 143 44.96 17.36 -15.53
CA TYR D 143 43.67 17.97 -15.28
C TYR D 143 42.59 17.38 -16.19
N VAL D 144 42.91 17.25 -17.48
CA VAL D 144 41.97 16.67 -18.44
C VAL D 144 41.66 15.22 -18.09
N ALA D 145 42.68 14.45 -17.68
CA ALA D 145 42.46 13.05 -17.33
C ALA D 145 41.49 12.92 -16.16
N LEU D 146 41.72 13.68 -15.09
CA LEU D 146 40.80 13.62 -13.96
C LEU D 146 39.41 14.14 -14.33
N GLU D 147 39.32 15.16 -15.19
CA GLU D 147 38.02 15.62 -15.63
C GLU D 147 37.25 14.53 -16.36
N LEU D 148 37.93 13.79 -17.25
CA LEU D 148 37.28 12.69 -17.95
C LEU D 148 36.82 11.60 -17.00
N VAL D 149 37.66 11.24 -16.02
CA VAL D 149 37.27 10.22 -15.05
C VAL D 149 36.03 10.65 -14.29
N ILE D 150 36.02 11.90 -13.82
CA ILE D 150 34.88 12.40 -13.06
C ILE D 150 33.62 12.40 -13.91
N ALA D 151 33.74 12.83 -15.17
CA ALA D 151 32.56 12.87 -16.04
C ALA D 151 31.99 11.47 -16.25
N ALA D 152 32.86 10.49 -16.52
CA ALA D 152 32.38 9.13 -16.74
C ALA D 152 31.67 8.59 -15.50
N LEU D 153 32.27 8.77 -14.33
CA LEU D 153 31.64 8.29 -13.10
C LEU D 153 30.30 8.97 -12.85
N SER D 154 30.23 10.28 -13.06
CA SER D 154 29.00 11.01 -12.82
C SER D 154 27.87 10.53 -13.74
N VAL D 155 28.16 10.41 -15.04
CA VAL D 155 27.12 9.94 -15.95
C VAL D 155 26.66 8.54 -15.58
N ALA D 156 27.61 7.64 -15.25
CA ALA D 156 27.23 6.28 -14.90
C ALA D 156 26.27 6.28 -13.71
N GLY D 157 26.65 6.95 -12.61
CA GLY D 157 25.83 6.92 -11.41
C GLY D 157 24.46 7.55 -11.61
N ASN D 158 24.42 8.73 -12.24
CA ASN D 158 23.16 9.44 -12.36
C ASN D 158 22.23 8.77 -13.36
N VAL D 159 22.77 8.19 -14.44
CA VAL D 159 21.92 7.42 -15.35
C VAL D 159 21.37 6.19 -14.63
N LEU D 160 22.18 5.56 -13.77
CA LEU D 160 21.67 4.44 -12.99
C LEU D 160 20.49 4.88 -12.13
N VAL D 161 20.62 6.03 -11.45
CA VAL D 161 19.54 6.50 -10.59
C VAL D 161 18.28 6.80 -11.40
N CYS D 162 18.44 7.48 -12.53
CA CYS D 162 17.28 7.84 -13.36
C CYS D 162 16.58 6.59 -13.89
N ALA D 163 17.36 5.59 -14.34
CA ALA D 163 16.76 4.35 -14.80
C ALA D 163 16.06 3.61 -13.68
N ALA D 164 16.63 3.65 -12.47
CA ALA D 164 15.98 3.03 -11.34
C ALA D 164 14.63 3.66 -11.03
N VAL D 165 14.56 4.99 -11.10
CA VAL D 165 13.29 5.66 -10.84
C VAL D 165 12.29 5.36 -11.95
N GLY D 166 12.73 5.37 -13.21
CA GLY D 166 11.81 5.24 -14.32
C GLY D 166 11.05 3.93 -14.37
N THR D 167 11.67 2.85 -13.90
CA THR D 167 11.09 1.51 -14.01
C THR D 167 10.51 0.99 -12.70
N ALA D 168 10.26 1.87 -11.74
CA ALA D 168 9.68 1.47 -10.45
C ALA D 168 8.36 2.20 -10.26
N ASN D 169 7.30 1.43 -9.98
CA ASN D 169 5.97 2.03 -9.79
C ASN D 169 5.84 2.70 -8.43
N THR D 170 6.39 2.10 -7.38
CA THR D 170 6.24 2.65 -6.04
C THR D 170 7.11 3.87 -5.80
N LEU D 171 8.01 4.22 -6.71
CA LEU D 171 8.92 5.34 -6.55
C LEU D 171 8.39 6.62 -7.19
N GLN D 172 7.18 6.59 -7.75
CA GLN D 172 6.58 7.77 -8.38
C GLN D 172 5.86 8.60 -7.32
N THR D 173 6.66 9.24 -6.47
CA THR D 173 6.18 10.16 -5.45
C THR D 173 6.68 11.57 -5.72
N PRO D 174 5.97 12.60 -5.26
CA PRO D 174 6.44 13.97 -5.48
C PRO D 174 7.81 14.26 -4.90
N THR D 175 8.21 13.54 -3.84
CA THR D 175 9.53 13.75 -3.26
C THR D 175 10.62 13.32 -4.24
N ASN D 176 10.42 12.21 -4.94
CA ASN D 176 11.45 11.66 -5.81
C ASN D 176 11.61 12.42 -7.12
N TYR D 177 10.65 13.26 -7.48
CA TYR D 177 10.77 14.05 -8.70
C TYR D 177 11.95 15.02 -8.60
N PHE D 178 12.15 15.61 -7.43
CA PHE D 178 13.30 16.49 -7.23
C PHE D 178 14.61 15.73 -7.35
N LEU D 179 14.66 14.50 -6.82
CA LEU D 179 15.86 13.67 -6.98
C LEU D 179 16.12 13.35 -8.45
N VAL D 180 15.06 13.08 -9.22
CA VAL D 180 15.21 12.83 -10.64
C VAL D 180 15.75 14.07 -11.34
N SER D 181 15.24 15.25 -10.97
CA SER D 181 15.74 16.49 -11.56
C SER D 181 17.22 16.69 -11.25
N LEU D 182 17.62 16.41 -10.00
CA LEU D 182 19.03 16.53 -9.65
C LEU D 182 19.89 15.56 -10.44
N ALA D 183 19.42 14.32 -10.60
CA ALA D 183 20.18 13.34 -11.39
C ALA D 183 20.30 13.76 -12.84
N ALA D 184 19.23 14.30 -13.42
CA ALA D 184 19.28 14.77 -14.80
C ALA D 184 20.26 15.93 -14.96
N ALA D 185 20.25 16.86 -14.01
CA ALA D 185 21.20 17.97 -14.06
C ALA D 185 22.63 17.46 -13.94
N ASP D 186 22.87 16.48 -13.08
CA ASP D 186 24.21 15.90 -12.95
C ASP D 186 24.64 15.17 -14.23
N VAL D 187 23.71 14.47 -14.89
CA VAL D 187 24.03 13.87 -16.18
C VAL D 187 24.41 14.94 -17.20
N ALA D 188 23.65 16.04 -17.23
CA ALA D 188 23.95 17.12 -18.16
C ALA D 188 25.33 17.71 -17.89
N VAL D 189 25.68 17.89 -16.62
CA VAL D 189 27.01 18.39 -16.27
C VAL D 189 28.09 17.40 -16.73
N GLY D 190 27.86 16.11 -16.47
CA GLY D 190 28.88 15.12 -16.78
C GLY D 190 29.14 14.97 -18.27
N LEU D 191 28.08 14.92 -19.07
CA LEU D 191 28.23 14.65 -20.50
C LEU D 191 28.61 15.88 -21.32
N PHE D 192 28.10 17.06 -20.96
CA PHE D 192 28.26 18.26 -21.78
C PHE D 192 29.24 19.27 -21.19
N ALA D 193 29.20 19.49 -19.88
CA ALA D 193 29.98 20.57 -19.30
C ALA D 193 31.47 20.25 -19.28
N ILE D 194 31.83 19.00 -18.98
CA ILE D 194 33.25 18.65 -18.86
C ILE D 194 33.99 18.78 -20.18
N PRO D 195 33.50 18.24 -21.31
CA PRO D 195 34.22 18.47 -22.58
C PRO D 195 34.31 19.94 -22.96
N PHE D 196 33.27 20.71 -22.69
CA PHE D 196 33.31 22.14 -22.98
C PHE D 196 34.37 22.85 -22.14
N ALA D 197 34.47 22.49 -20.86
CA ALA D 197 35.50 23.05 -20.00
C ALA D 197 36.90 22.68 -20.46
N ILE D 198 37.10 21.43 -20.91
CA ILE D 198 38.40 21.06 -21.45
C ILE D 198 38.71 21.85 -22.71
N THR D 199 37.73 22.00 -23.60
CA THR D 199 37.94 22.76 -24.84
C THR D 199 38.27 24.22 -24.56
N ILE D 200 37.62 24.83 -23.58
CA ILE D 200 37.94 26.21 -23.21
C ILE D 200 39.37 26.30 -22.70
N SER D 201 39.78 25.37 -21.83
CA SER D 201 41.10 25.41 -21.25
C SER D 201 42.20 25.01 -22.22
N LEU D 202 41.85 24.41 -23.37
CA LEU D 202 42.88 24.04 -24.35
C LEU D 202 43.65 25.25 -24.85
N GLY D 203 42.95 26.34 -25.15
CA GLY D 203 43.62 27.57 -25.54
C GLY D 203 43.93 27.72 -27.02
N PHE D 204 42.91 27.66 -27.88
CA PHE D 204 43.06 27.92 -29.30
C PHE D 204 42.26 29.17 -29.69
N CYS D 205 42.57 29.70 -30.87
CA CYS D 205 41.99 30.95 -31.32
C CYS D 205 40.74 30.72 -32.17
N THR D 206 39.68 31.44 -31.86
CA THR D 206 38.44 31.41 -32.63
C THR D 206 37.68 32.70 -32.37
N ASP D 207 36.40 32.72 -32.74
CA ASP D 207 35.60 33.93 -32.63
C ASP D 207 35.15 34.15 -31.19
N PHE D 208 34.42 35.25 -30.98
CA PHE D 208 34.06 35.69 -29.63
C PHE D 208 32.83 34.97 -29.10
N TYR D 209 31.69 35.11 -29.80
CA TYR D 209 30.44 34.55 -29.29
C TYR D 209 30.48 33.03 -29.26
N GLY D 210 31.21 32.41 -30.18
CA GLY D 210 31.37 30.96 -30.14
C GLY D 210 32.05 30.51 -28.86
N CYS D 211 33.04 31.26 -28.38
CA CYS D 211 33.72 30.92 -27.14
C CYS D 211 32.89 31.28 -25.92
N LEU D 212 32.08 32.34 -25.99
CA LEU D 212 31.17 32.67 -24.90
C LEU D 212 30.08 31.62 -24.73
N PHE D 213 29.68 31.00 -25.84
CA PHE D 213 28.61 29.99 -25.81
C PHE D 213 28.97 28.83 -24.90
N LEU D 214 30.21 28.34 -24.98
CA LEU D 214 30.64 27.23 -24.14
C LEU D 214 30.60 27.61 -22.67
N ALA D 215 31.06 28.81 -22.33
CA ALA D 215 31.05 29.25 -20.93
C ALA D 215 29.63 29.35 -20.40
N CYS D 216 28.71 29.88 -21.22
CA CYS D 216 27.32 29.99 -20.77
C CYS D 216 26.70 28.61 -20.53
N PHE D 217 26.95 27.67 -21.44
CA PHE D 217 26.40 26.33 -21.24
C PHE D 217 27.06 25.63 -20.07
N VAL D 218 28.29 25.98 -19.74
CA VAL D 218 28.92 25.45 -18.53
C VAL D 218 28.22 26.01 -17.29
N LEU D 219 27.89 27.31 -17.30
CA LEU D 219 27.29 27.94 -16.13
C LEU D 219 25.89 27.41 -15.84
N VAL D 220 25.08 27.22 -16.88
CA VAL D 220 23.65 26.98 -16.69
C VAL D 220 23.41 25.69 -15.91
N LEU D 221 24.12 24.61 -16.26
CA LEU D 221 23.86 23.32 -15.63
C LEU D 221 24.23 23.33 -14.16
N THR D 222 25.36 23.95 -13.81
CA THR D 222 25.76 24.06 -12.42
C THR D 222 24.75 24.88 -11.62
N GLN D 223 24.25 25.97 -12.21
CA GLN D 223 23.23 26.75 -11.52
C GLN D 223 21.97 25.92 -11.28
N SER D 224 21.57 25.11 -12.27
CA SER D 224 20.40 24.27 -12.13
C SER D 224 20.57 23.26 -10.99
N SER D 225 21.76 22.65 -10.90
CA SER D 225 22.03 21.72 -9.80
C SER D 225 21.96 22.43 -8.45
N ILE D 226 22.53 23.64 -8.37
CA ILE D 226 22.45 24.43 -7.15
C ILE D 226 21.01 24.63 -6.72
N PHE D 227 20.15 24.99 -7.68
CA PHE D 227 18.75 25.25 -7.35
C PHE D 227 18.02 23.96 -6.94
N SER D 228 18.36 22.85 -7.57
CA SER D 228 17.73 21.57 -7.25
C SER D 228 18.02 21.15 -5.82
N LEU D 229 19.26 21.38 -5.36
CA LEU D 229 19.60 21.06 -3.98
C LEU D 229 18.72 21.84 -3.01
N LEU D 230 18.53 23.14 -3.26
CA LEU D 230 17.68 23.96 -2.41
C LEU D 230 16.24 23.48 -2.43
N ALA D 231 15.75 23.06 -3.60
CA ALA D 231 14.40 22.54 -3.68
C ALA D 231 14.23 21.29 -2.82
N VAL D 232 15.21 20.40 -2.86
CA VAL D 232 15.14 19.19 -2.03
C VAL D 232 15.16 19.55 -0.55
N ALA D 233 16.00 20.51 -0.17
CA ALA D 233 16.05 20.92 1.24
C ALA D 233 14.72 21.50 1.70
N VAL D 234 14.09 22.33 0.86
CA VAL D 234 12.80 22.90 1.22
C VAL D 234 11.74 21.80 1.34
N ASP D 235 11.81 20.80 0.46
CA ASP D 235 10.87 19.68 0.54
C ASP D 235 11.01 18.95 1.87
N ARG D 236 12.24 18.68 2.30
CA ARG D 236 12.42 18.01 3.60
C ARG D 236 11.95 18.88 4.75
N TYR D 237 12.19 20.19 4.69
CA TYR D 237 11.72 21.08 5.75
C TYR D 237 10.20 21.05 5.84
N LEU D 238 9.51 21.09 4.70
CA LEU D 238 8.05 20.99 4.73
C LEU D 238 7.61 19.62 5.25
N ALA D 239 8.33 18.56 4.90
CA ALA D 239 7.96 17.23 5.36
C ALA D 239 8.09 17.08 6.87
N ILE D 240 9.05 17.74 7.50
CA ILE D 240 9.30 17.55 8.93
C ILE D 240 8.59 18.60 9.79
N CYS D 241 8.74 19.89 9.47
CA CYS D 241 8.29 20.92 10.40
C CYS D 241 6.80 21.24 10.26
N VAL D 242 6.17 20.88 9.16
CA VAL D 242 4.71 21.04 9.01
C VAL D 242 4.13 19.71 8.54
N PRO D 243 3.96 18.73 9.43
CA PRO D 243 3.59 17.38 8.98
C PRO D 243 2.13 17.24 8.56
N LEU D 244 1.21 17.95 9.19
CA LEU D 244 -0.20 17.74 8.91
C LEU D 244 -0.61 18.31 7.55
N ARG D 245 0.03 19.38 7.12
CA ARG D 245 -0.30 20.03 5.85
C ARG D 245 0.67 19.68 4.73
N TYR D 246 1.53 18.67 4.93
CA TYR D 246 2.49 18.30 3.91
C TYR D 246 1.81 17.78 2.65
N LYS D 247 0.80 16.92 2.81
CA LYS D 247 0.15 16.32 1.65
C LYS D 247 -0.73 17.33 0.92
N SER D 248 -1.38 18.24 1.65
CA SER D 248 -2.24 19.22 1.02
C SER D 248 -1.44 20.27 0.25
N LEU D 249 -0.15 20.39 0.54
CA LEU D 249 0.69 21.43 -0.06
C LEU D 249 1.58 20.91 -1.18
N VAL D 250 2.16 19.72 -1.03
CA VAL D 250 3.08 19.16 -2.02
C VAL D 250 2.31 18.14 -2.84
N THR D 251 2.16 18.42 -4.13
CA THR D 251 1.50 17.52 -5.07
C THR D 251 2.32 17.44 -6.35
N GLY D 252 1.85 16.63 -7.30
CA GLY D 252 2.56 16.46 -8.55
C GLY D 252 2.56 17.73 -9.40
N THR D 253 1.42 18.41 -9.48
CA THR D 253 1.32 19.61 -10.31
C THR D 253 2.25 20.70 -9.81
N ARG D 254 2.25 20.96 -8.51
CA ARG D 254 3.10 21.98 -7.94
C ARG D 254 4.58 21.63 -8.06
N ALA D 255 4.92 20.35 -7.90
CA ALA D 255 6.31 19.93 -8.09
C ALA D 255 6.75 20.15 -9.54
N ARG D 256 5.90 19.81 -10.50
CA ARG D 256 6.23 20.03 -11.90
C ARG D 256 6.42 21.52 -12.20
N GLY D 257 5.52 22.36 -11.68
CA GLY D 257 5.68 23.79 -11.88
C GLY D 257 6.95 24.34 -11.25
N VAL D 258 7.28 23.87 -10.05
CA VAL D 258 8.51 24.30 -9.39
C VAL D 258 9.73 23.89 -10.21
N ILE D 259 9.74 22.68 -10.73
CA ILE D 259 10.87 22.22 -11.55
C ILE D 259 10.99 23.08 -12.80
N ALA D 260 9.86 23.37 -13.45
CA ALA D 260 9.89 24.17 -14.66
C ALA D 260 10.46 25.56 -14.40
N VAL D 261 9.97 26.22 -13.34
CA VAL D 261 10.47 27.56 -13.03
C VAL D 261 11.94 27.51 -12.63
N LEU D 262 12.34 26.49 -11.88
CA LEU D 262 13.74 26.36 -11.45
C LEU D 262 14.67 26.17 -12.64
N TRP D 263 14.26 25.39 -13.64
CA TRP D 263 15.09 25.21 -14.82
C TRP D 263 15.06 26.42 -15.75
N VAL D 264 13.97 27.17 -15.78
CA VAL D 264 13.93 28.39 -16.59
C VAL D 264 14.84 29.46 -15.99
N LEU D 265 14.87 29.56 -14.66
CA LEU D 265 15.73 30.55 -14.03
C LEU D 265 17.20 30.29 -14.28
N ALA D 266 17.60 29.02 -14.39
CA ALA D 266 18.99 28.71 -14.70
C ALA D 266 19.38 29.21 -16.08
N PHE D 267 18.50 28.99 -17.08
CA PHE D 267 18.76 29.52 -18.41
C PHE D 267 18.80 31.03 -18.40
N GLY D 268 17.91 31.67 -17.64
CA GLY D 268 17.95 33.12 -17.54
C GLY D 268 19.23 33.64 -16.93
N ILE D 269 19.73 32.96 -15.91
CA ILE D 269 20.93 33.40 -15.21
C ILE D 269 22.15 33.20 -16.10
N GLY D 270 22.25 32.05 -16.77
CA GLY D 270 23.43 31.76 -17.56
C GLY D 270 23.54 32.54 -18.86
N LEU D 271 22.42 33.05 -19.37
CA LEU D 271 22.39 33.77 -20.63
C LEU D 271 22.54 35.27 -20.45
N THR D 272 22.79 35.74 -19.23
CA THR D 272 23.03 37.16 -19.01
C THR D 272 24.21 37.71 -19.81
N PRO D 273 25.37 37.05 -19.91
CA PRO D 273 26.49 37.65 -20.66
C PRO D 273 26.16 38.01 -22.10
N PHE D 274 25.30 37.25 -22.76
CA PHE D 274 24.95 37.56 -24.15
C PHE D 274 24.21 38.90 -24.25
N LEU D 275 23.65 39.39 -23.15
CA LEU D 275 22.96 40.67 -23.18
C LEU D 275 23.91 41.85 -23.28
N GLY D 276 25.20 41.64 -23.02
CA GLY D 276 26.17 42.72 -23.13
C GLY D 276 27.25 42.70 -22.07
N TRP D 277 27.11 41.83 -21.07
CA TRP D 277 28.09 41.70 -20.00
C TRP D 277 29.26 40.85 -20.49
N ASN D 278 30.03 41.41 -21.40
CA ASN D 278 31.13 40.72 -22.06
C ASN D 278 32.41 41.55 -21.94
N SER D 279 33.46 41.09 -22.63
CA SER D 279 34.73 41.78 -22.68
C SER D 279 35.17 42.08 -24.11
N LYS D 280 34.22 42.21 -25.05
CA LYS D 280 34.58 42.45 -26.44
C LYS D 280 35.19 43.84 -26.62
N ASP D 281 34.93 44.74 -25.68
CA ASP D 281 35.52 46.09 -25.74
C ASP D 281 37.04 46.00 -25.75
N SER D 282 37.61 45.17 -24.87
CA SER D 282 39.03 44.89 -24.91
C SER D 282 39.36 43.79 -25.92
N ALA D 283 38.46 42.82 -26.08
CA ALA D 283 38.62 41.72 -27.02
C ALA D 283 39.90 40.93 -26.77
N THR D 284 40.28 40.83 -25.49
CA THR D 284 41.48 40.11 -25.08
C THR D 284 42.70 40.58 -25.85
N ASN D 285 43.27 39.69 -26.67
CA ASN D 285 44.43 40.01 -27.48
C ASN D 285 44.08 41.01 -28.58
N LEU D 301 39.60 35.11 -33.65
CA LEU D 301 40.14 36.44 -33.45
C LEU D 301 40.42 36.73 -31.97
N VAL D 302 39.98 35.82 -31.10
CA VAL D 302 40.17 35.94 -29.67
C VAL D 302 40.61 34.58 -29.12
N LYS D 303 41.59 34.60 -28.23
CA LYS D 303 42.06 33.37 -27.58
C LYS D 303 41.01 32.89 -26.59
N CYS D 304 40.71 31.59 -26.63
CA CYS D 304 39.67 31.02 -25.80
C CYS D 304 40.21 30.74 -24.40
N LEU D 305 40.02 31.68 -23.49
CA LEU D 305 40.15 31.48 -22.06
C LEU D 305 38.89 31.99 -21.40
N PHE D 306 38.55 31.41 -20.24
CA PHE D 306 37.38 31.86 -19.52
C PHE D 306 37.51 33.31 -19.08
N GLU D 307 38.71 33.70 -18.63
CA GLU D 307 38.94 35.04 -18.12
C GLU D 307 38.92 36.10 -19.22
N ASN D 308 39.06 35.69 -20.48
CA ASN D 308 39.08 36.63 -21.59
C ASN D 308 37.71 36.89 -22.19
N VAL D 309 36.65 36.28 -21.65
CA VAL D 309 35.31 36.50 -22.17
C VAL D 309 34.39 37.00 -21.06
N VAL D 310 34.25 36.21 -20.00
CA VAL D 310 33.38 36.53 -18.88
C VAL D 310 34.19 37.31 -17.85
N PRO D 311 33.78 38.50 -17.46
CA PRO D 311 34.56 39.27 -16.48
C PRO D 311 34.38 38.75 -15.06
N MET D 312 35.32 39.14 -14.20
CA MET D 312 35.29 38.74 -12.80
C MET D 312 34.22 39.45 -11.99
N SER D 313 33.83 40.66 -12.41
CA SER D 313 32.75 41.36 -11.72
C SER D 313 31.44 40.58 -11.81
N TYR D 314 31.15 39.99 -12.97
CA TYR D 314 29.99 39.12 -13.10
C TYR D 314 30.09 37.90 -12.21
N MET D 315 31.29 37.32 -12.10
CA MET D 315 31.46 36.12 -11.30
C MET D 315 31.33 36.39 -9.80
N VAL D 316 31.72 37.58 -9.36
CA VAL D 316 31.72 37.89 -7.93
C VAL D 316 30.40 38.54 -7.50
N TYR D 317 30.02 39.64 -8.14
CA TYR D 317 28.86 40.41 -7.68
C TYR D 317 27.56 39.69 -7.98
N PHE D 318 27.39 39.16 -9.19
CA PHE D 318 26.12 38.58 -9.61
C PHE D 318 26.00 37.12 -9.25
N ASN D 319 26.97 36.29 -9.66
CA ASN D 319 26.85 34.86 -9.48
C ASN D 319 27.00 34.46 -8.02
N PHE D 320 28.16 34.74 -7.42
CA PHE D 320 28.45 34.28 -6.06
C PHE D 320 27.53 34.90 -5.02
N PHE D 321 27.52 36.22 -4.92
CA PHE D 321 26.73 36.90 -3.89
C PHE D 321 25.24 36.88 -4.19
N GLY D 322 24.82 36.45 -5.37
CA GLY D 322 23.42 36.54 -5.75
C GLY D 322 22.71 35.22 -5.95
N CYS D 323 23.44 34.16 -6.27
CA CYS D 323 22.82 32.90 -6.65
C CYS D 323 23.37 31.68 -5.92
N VAL D 324 24.35 31.84 -5.03
CA VAL D 324 24.99 30.72 -4.35
C VAL D 324 24.89 30.85 -2.84
N LEU D 325 25.27 32.01 -2.30
CA LEU D 325 25.32 32.16 -0.84
C LEU D 325 23.96 32.06 -0.17
N PRO D 326 22.90 32.72 -0.65
CA PRO D 326 21.59 32.61 0.01
C PRO D 326 21.08 31.18 0.07
N PRO D 327 21.26 30.37 -0.99
CA PRO D 327 20.92 28.95 -0.84
C PRO D 327 21.68 28.26 0.29
N LEU D 328 22.97 28.54 0.45
CA LEU D 328 23.73 27.93 1.54
C LEU D 328 23.18 28.34 2.89
N LEU D 329 22.86 29.62 3.05
CA LEU D 329 22.28 30.08 4.31
C LEU D 329 20.94 29.41 4.59
N ILE D 330 20.09 29.28 3.56
CA ILE D 330 18.78 28.67 3.75
C ILE D 330 18.93 27.21 4.16
N MET D 331 19.81 26.47 3.49
CA MET D 331 20.00 25.06 3.87
C MET D 331 20.55 24.94 5.29
N LEU D 332 21.50 25.79 5.66
CA LEU D 332 22.04 25.74 7.01
C LEU D 332 20.95 25.97 8.05
N VAL D 333 20.11 26.99 7.84
CA VAL D 333 19.03 27.27 8.78
C VAL D 333 18.04 26.11 8.85
N ILE D 334 17.67 25.57 7.70
CA ILE D 334 16.69 24.48 7.66
C ILE D 334 17.21 23.27 8.41
N TYR D 335 18.47 22.91 8.18
CA TYR D 335 19.01 21.73 8.85
C TYR D 335 19.25 21.94 10.34
N ILE D 336 19.57 23.17 10.76
CA ILE D 336 19.65 23.45 12.19
C ILE D 336 18.28 23.27 12.84
N LYS D 337 17.23 23.79 12.20
CA LYS D 337 15.88 23.63 12.74
C LYS D 337 15.49 22.15 12.81
N ILE D 338 15.81 21.39 11.76
CA ILE D 338 15.47 19.96 11.74
C ILE D 338 16.22 19.23 12.86
N PHE D 339 17.48 19.58 13.08
CA PHE D 339 18.25 18.95 14.15
C PHE D 339 17.64 19.25 15.52
N LEU D 340 17.22 20.49 15.75
CA LEU D 340 16.60 20.81 17.03
C LEU D 340 15.30 20.03 17.23
N VAL D 341 14.48 19.95 16.18
CA VAL D 341 13.22 19.20 16.27
C VAL D 341 13.50 17.73 16.57
N ALA D 342 14.51 17.16 15.90
CA ALA D 342 14.86 15.76 16.16
C ALA D 342 15.35 15.56 17.59
N CYS D 343 16.15 16.50 18.12
CA CYS D 343 16.67 16.37 19.47
C CYS D 343 15.53 16.41 20.50
N ARG D 344 14.56 17.30 20.31
CA ARG D 344 13.44 17.35 21.26
C ARG D 344 12.67 16.04 21.30
N GLN D 345 12.34 15.47 20.15
CA GLN D 345 11.65 14.19 20.12
C GLN D 345 12.51 13.04 20.63
N LEU D 346 13.83 13.10 20.43
CA LEU D 346 14.70 12.09 21.03
C LEU D 346 14.64 12.15 22.55
N GLN D 347 14.67 13.36 23.11
CA GLN D 347 14.53 13.52 24.56
C GLN D 347 13.19 12.97 25.04
N ARG D 348 12.11 13.28 24.33
CA ARG D 348 10.79 12.79 24.74
C ARG D 348 10.71 11.27 24.66
N THR D 349 11.24 10.69 23.58
CA THR D 349 11.13 9.24 23.37
C THR D 349 11.99 8.48 24.36
N GLU D 350 13.16 9.03 24.72
CA GLU D 350 14.07 8.32 25.62
C GLU D 350 13.41 8.03 26.96
N LEU D 351 12.69 9.00 27.52
CA LEU D 351 12.01 8.82 28.79
C LEU D 351 10.83 7.86 28.65
N ARG D 356 22.94 6.99 28.21
CA ARG D 356 24.09 7.16 27.33
C ARG D 356 23.70 6.94 25.87
N THR D 357 22.63 6.16 25.66
CA THR D 357 22.18 5.89 24.30
C THR D 357 21.56 7.14 23.66
N THR D 358 20.89 7.97 24.44
CA THR D 358 20.27 9.17 23.88
C THR D 358 21.31 10.10 23.28
N LEU D 359 22.43 10.31 23.99
CA LEU D 359 23.51 11.14 23.46
C LEU D 359 24.11 10.51 22.20
N GLN D 360 24.23 9.18 22.16
CA GLN D 360 24.75 8.52 20.97
C GLN D 360 23.85 8.76 19.77
N ARG D 361 22.54 8.61 19.94
CA ARG D 361 21.61 8.85 18.84
C ARG D 361 21.63 10.32 18.42
N GLU D 362 21.72 11.24 19.38
CA GLU D 362 21.80 12.65 19.03
C GLU D 362 23.05 12.95 18.22
N ILE D 363 24.19 12.36 18.62
CA ILE D 363 25.43 12.58 17.88
C ILE D 363 25.33 12.01 16.48
N HIS D 364 24.73 10.81 16.35
CA HIS D 364 24.56 10.22 15.02
C HIS D 364 23.71 11.10 14.12
N ALA D 365 22.59 11.61 14.65
CA ALA D 365 21.73 12.49 13.86
C ALA D 365 22.46 13.78 13.48
N ALA D 366 23.22 14.34 14.42
CA ALA D 366 23.95 15.58 14.13
C ALA D 366 24.98 15.36 13.03
N LYS D 367 25.71 14.25 13.08
CA LYS D 367 26.70 13.96 12.04
C LYS D 367 26.01 13.77 10.68
N SER D 368 24.91 13.02 10.66
CA SER D 368 24.21 12.76 9.40
C SER D 368 23.68 14.06 8.80
N LEU D 369 23.21 14.98 9.64
CA LEU D 369 22.70 16.24 9.12
C LEU D 369 23.81 17.20 8.71
N ALA D 370 24.94 17.19 9.43
CA ALA D 370 26.02 18.13 9.13
C ALA D 370 26.83 17.74 7.90
N MET D 371 26.93 16.45 7.59
CA MET D 371 27.70 16.04 6.43
C MET D 371 27.15 16.61 5.13
N ILE D 372 25.82 16.74 5.02
CA ILE D 372 25.21 17.26 3.80
C ILE D 372 25.69 18.69 3.54
N VAL D 373 25.65 19.54 4.56
CA VAL D 373 26.10 20.92 4.39
C VAL D 373 27.60 20.98 4.18
N GLY D 374 28.35 20.12 4.88
CA GLY D 374 29.80 20.14 4.75
C GLY D 374 30.26 19.82 3.35
N ILE D 375 29.63 18.82 2.71
CA ILE D 375 30.01 18.45 1.36
C ILE D 375 29.78 19.60 0.40
N PHE D 376 28.61 20.24 0.51
CA PHE D 376 28.28 21.37 -0.37
C PHE D 376 29.27 22.51 -0.20
N ALA D 377 29.57 22.88 1.06
CA ALA D 377 30.49 23.98 1.31
C ALA D 377 31.89 23.66 0.77
N LEU D 378 32.40 22.45 1.08
CA LEU D 378 33.74 22.10 0.63
C LEU D 378 33.82 22.02 -0.89
N CYS D 379 32.73 21.63 -1.55
CA CYS D 379 32.76 21.54 -3.00
C CYS D 379 32.67 22.91 -3.67
N TRP D 380 31.93 23.85 -3.09
CA TRP D 380 31.65 25.08 -3.81
C TRP D 380 32.46 26.29 -3.37
N LEU D 381 32.82 26.42 -2.09
CA LEU D 381 33.49 27.63 -1.63
C LEU D 381 34.86 27.87 -2.26
N PRO D 382 35.76 26.89 -2.38
CA PRO D 382 37.10 27.21 -2.91
C PRO D 382 37.10 27.84 -4.29
N VAL D 383 36.21 27.42 -5.18
CA VAL D 383 36.20 27.97 -6.54
C VAL D 383 35.88 29.46 -6.51
N HIS D 384 34.86 29.84 -5.74
CA HIS D 384 34.42 31.23 -5.69
C HIS D 384 35.27 32.09 -4.76
N ALA D 385 36.12 31.48 -3.93
CA ALA D 385 37.01 32.28 -3.10
C ALA D 385 38.12 32.94 -3.92
N VAL D 386 38.63 32.23 -4.92
CA VAL D 386 39.76 32.73 -5.70
C VAL D 386 39.34 33.93 -6.54
N ASN D 387 38.12 33.90 -7.09
CA ASN D 387 37.64 35.05 -7.85
C ASN D 387 37.54 36.30 -7.00
N CYS D 388 37.02 36.16 -5.78
CA CYS D 388 36.94 37.30 -4.87
C CYS D 388 38.33 37.79 -4.49
N VAL D 389 39.26 36.86 -4.26
CA VAL D 389 40.63 37.24 -3.94
C VAL D 389 41.25 38.04 -5.08
N THR D 390 41.04 37.57 -6.32
CA THR D 390 41.61 38.25 -7.47
C THR D 390 40.99 39.64 -7.67
N LEU D 391 39.67 39.75 -7.50
CA LEU D 391 39.00 41.01 -7.80
C LEU D 391 39.23 42.05 -6.70
N PHE D 392 39.05 41.67 -5.43
CA PHE D 392 39.13 42.65 -4.35
C PHE D 392 40.54 43.21 -4.19
N GLN D 393 41.54 42.34 -4.28
CA GLN D 393 42.94 42.79 -4.24
C GLN D 393 43.71 42.18 -5.42
N PRO D 394 44.32 42.99 -6.28
CA PRO D 394 45.04 42.43 -7.43
C PRO D 394 46.50 42.12 -7.15
N ALA D 395 47.06 42.61 -6.05
CA ALA D 395 48.49 42.49 -5.81
C ALA D 395 48.93 41.03 -5.78
N GLN D 396 48.42 40.26 -4.80
CA GLN D 396 48.75 38.84 -4.73
C GLN D 396 47.99 38.02 -5.74
N GLY D 397 46.87 38.53 -6.28
CA GLY D 397 46.14 37.81 -7.29
C GLY D 397 46.91 37.68 -8.60
N LYS D 398 47.64 38.74 -8.96
CA LYS D 398 48.41 38.71 -10.21
C LYS D 398 49.48 37.63 -10.19
N ASN D 399 50.18 37.48 -9.07
CA ASN D 399 51.22 36.47 -8.92
C ASN D 399 50.70 35.39 -7.97
N LYS D 400 49.98 34.42 -8.54
CA LYS D 400 49.45 33.29 -7.80
C LYS D 400 49.81 32.01 -8.54
N PRO D 401 49.88 30.88 -7.83
CA PRO D 401 50.19 29.62 -8.51
C PRO D 401 49.15 29.31 -9.58
N LYS D 402 49.63 28.76 -10.71
CA LYS D 402 48.74 28.46 -11.83
C LYS D 402 47.83 27.27 -11.51
N TRP D 403 48.34 26.27 -10.78
CA TRP D 403 47.58 25.06 -10.50
C TRP D 403 46.47 25.28 -9.47
N ALA D 404 46.60 26.30 -8.60
CA ALA D 404 45.66 26.48 -7.50
C ALA D 404 44.23 26.62 -8.01
N MET D 405 44.06 27.25 -9.17
CA MET D 405 42.72 27.35 -9.75
C MET D 405 42.21 25.99 -10.21
N ASN D 406 43.05 25.24 -10.94
CA ASN D 406 42.58 24.03 -11.63
C ASN D 406 41.98 23.03 -10.67
N MET D 407 42.73 22.64 -9.64
CA MET D 407 42.20 21.73 -8.64
C MET D 407 40.87 22.23 -8.10
N ALA D 408 40.78 23.54 -7.81
CA ALA D 408 39.53 24.11 -7.34
C ALA D 408 38.39 23.75 -8.28
N ILE D 409 38.56 24.00 -9.58
CA ILE D 409 37.52 23.65 -10.54
C ILE D 409 37.16 22.17 -10.42
N LEU D 410 38.18 21.31 -10.38
CA LEU D 410 37.93 19.88 -10.23
C LEU D 410 37.04 19.61 -9.04
N LEU D 411 37.35 20.23 -7.89
CA LEU D 411 36.59 19.98 -6.68
C LEU D 411 35.11 20.25 -6.89
N SER D 412 34.82 21.32 -7.62
CA SER D 412 33.41 21.71 -7.84
C SER D 412 32.68 20.62 -8.62
N HIS D 413 33.32 20.02 -9.62
CA HIS D 413 32.69 18.96 -10.39
C HIS D 413 32.54 17.68 -9.57
N ALA D 414 33.36 17.50 -8.53
CA ALA D 414 33.18 16.36 -7.65
C ALA D 414 31.80 16.33 -7.01
N ASN D 415 31.17 17.50 -6.82
CA ASN D 415 29.83 17.53 -6.25
C ASN D 415 28.84 16.75 -7.10
N SER D 416 29.12 16.54 -8.39
CA SER D 416 28.20 15.81 -9.24
C SER D 416 28.26 14.31 -8.96
N VAL D 417 29.37 13.81 -8.41
CA VAL D 417 29.52 12.37 -8.23
C VAL D 417 29.16 11.92 -6.82
N VAL D 418 28.98 12.84 -5.89
CA VAL D 418 28.72 12.49 -4.49
C VAL D 418 27.23 12.58 -4.21
N ASN D 419 26.53 13.42 -4.98
CA ASN D 419 25.10 13.63 -4.74
C ASN D 419 24.27 12.35 -4.78
N PRO D 420 24.44 11.41 -5.72
CA PRO D 420 23.63 10.18 -5.67
C PRO D 420 23.81 9.39 -4.39
N ILE D 421 25.03 9.34 -3.85
CA ILE D 421 25.28 8.54 -2.65
C ILE D 421 24.59 9.17 -1.44
N VAL D 422 24.68 10.49 -1.30
CA VAL D 422 24.15 11.15 -0.11
C VAL D 422 22.63 11.12 -0.10
N TYR D 423 21.99 11.38 -1.24
CA TYR D 423 20.56 11.59 -1.30
C TYR D 423 19.77 10.33 -1.66
N ALA D 424 20.24 9.56 -2.63
CA ALA D 424 19.44 8.49 -3.20
C ALA D 424 19.69 7.13 -2.53
N TYR D 425 20.96 6.68 -2.52
CA TYR D 425 21.27 5.34 -2.08
C TYR D 425 20.94 5.13 -0.60
N ARG D 426 20.93 6.20 0.19
CA ARG D 426 20.66 6.07 1.61
C ARG D 426 19.17 5.83 1.89
N ASN D 427 18.29 6.23 0.97
CA ASN D 427 16.86 6.08 1.20
C ASN D 427 16.45 4.61 1.15
N ARG D 428 15.42 4.28 1.92
CA ARG D 428 15.00 2.89 2.05
C ARG D 428 14.35 2.37 0.77
N ASP D 429 13.54 3.21 0.12
CA ASP D 429 12.84 2.76 -1.08
C ASP D 429 13.81 2.41 -2.20
N PHE D 430 14.86 3.22 -2.37
CA PHE D 430 15.84 2.93 -3.40
C PHE D 430 16.59 1.64 -3.11
N ARG D 431 16.94 1.39 -1.85
CA ARG D 431 17.59 0.14 -1.49
C ARG D 431 16.69 -1.05 -1.76
N TYR D 432 15.40 -0.93 -1.41
CA TYR D 432 14.47 -2.03 -1.66
C TYR D 432 14.33 -2.31 -3.15
N THR D 433 14.21 -1.25 -3.96
CA THR D 433 14.11 -1.43 -5.41
C THR D 433 15.37 -2.05 -5.99
N PHE D 434 16.55 -1.60 -5.54
CA PHE D 434 17.80 -2.18 -6.03
C PHE D 434 17.89 -3.65 -5.65
N HIS D 435 17.54 -4.00 -4.41
CA HIS D 435 17.60 -5.40 -4.00
C HIS D 435 16.64 -6.26 -4.80
N LYS D 436 15.41 -5.77 -5.02
CA LYS D 436 14.45 -6.54 -5.80
C LYS D 436 14.92 -6.74 -7.24
N ILE D 437 15.46 -5.67 -7.86
CA ILE D 437 15.92 -5.78 -9.23
C ILE D 437 17.11 -6.74 -9.33
N ILE D 438 18.04 -6.65 -8.38
CA ILE D 438 19.21 -7.53 -8.40
C ILE D 438 18.80 -8.98 -8.22
N SER D 439 17.89 -9.24 -7.27
CA SER D 439 17.46 -10.62 -7.02
C SER D 439 16.70 -11.19 -8.21
N ARG D 440 15.77 -10.41 -8.77
CA ARG D 440 14.96 -10.91 -9.88
C ARG D 440 15.80 -11.14 -11.12
N TYR D 441 16.73 -10.25 -11.42
CA TYR D 441 17.57 -10.38 -12.60
C TYR D 441 18.99 -10.78 -12.22
#